data_5FUG
#
_entry.id   5FUG
#
_cell.length_a   36.120
_cell.length_b   150.680
_cell.length_c   92.610
_cell.angle_alpha   90.00
_cell.angle_beta   91.47
_cell.angle_gamma   90.00
#
_symmetry.space_group_name_H-M   'P 1 21 1'
#
loop_
_entity.id
_entity.type
_entity.pdbx_description
1 polymer 'HISTONE H2A.Z'
2 polymer 'HISTONE H2B TYPE 1-J'
3 polymer 'VACUOLAR PROTEIN SORTING-ASSOCIATED PROTEIN 72 HOMOLOG'
4 water water
#
loop_
_entity_poly.entity_id
_entity_poly.type
_entity_poly.pdbx_seq_one_letter_code
_entity_poly.pdbx_strand_id
1 'polypeptide(L)'
;SRSQRAGLQFPVGRIHRHLKSRTTSHGRVGATAAVYSAAILEYLTAEVLELAGNASKDLKVKRITPRHLQLAIRGDEELD
SLIKATIAGGGVIPHIHKSLIGKKGQQKTV
;
A,D,G,J
2 'polypeptide(L)'
;KRSRKESYSIYVYKVLKQVHPDTGISSKAMGIMNSFVNDIFERIAGEASRLAHYNKRSTITSREIQTAVRLLLPGELAKH
AVSEGTKAVTKYTSAK
;
B,E,H,K
3 'polypeptide(L)' GSHMGRAPRKTAGNRLSGLLEAEEEDEFYQTTYGGFTEESGDDEYQGDQSDTEDEVDSDFDIDEGDEP C,F,I,L
#
# COMPACT_ATOMS: atom_id res chain seq x y z
N SER A 1 12.35 -3.36 -22.69
CA SER A 1 12.22 -3.00 -24.10
C SER A 1 13.48 -2.23 -24.57
N ARG A 2 13.49 -1.81 -25.87
CA ARG A 2 14.59 -1.04 -26.48
C ARG A 2 14.58 0.40 -25.96
N SER A 3 13.42 0.96 -25.63
CA SER A 3 13.36 2.29 -25.03
C SER A 3 14.04 2.28 -23.65
N GLN A 4 13.89 1.17 -22.89
CA GLN A 4 14.52 1.01 -21.57
C GLN A 4 16.03 0.78 -21.68
N ARG A 5 16.49 -0.01 -22.70
CA ARG A 5 17.92 -0.27 -22.93
C ARG A 5 18.68 1.04 -23.11
N ALA A 6 17.99 2.09 -23.63
CA ALA A 6 18.49 3.44 -23.87
C ALA A 6 18.18 4.36 -22.68
N GLY A 7 17.45 3.84 -21.70
CA GLY A 7 17.08 4.57 -20.48
C GLY A 7 16.00 5.62 -20.72
N LEU A 8 15.13 5.38 -21.73
CA LEU A 8 14.09 6.33 -22.12
C LEU A 8 12.69 5.93 -21.77
N GLN A 9 11.75 6.88 -21.93
CA GLN A 9 10.30 6.70 -21.75
C GLN A 9 9.71 6.76 -23.13
N PHE A 10 10.32 7.61 -24.00
CA PHE A 10 9.88 7.83 -25.38
C PHE A 10 10.00 6.58 -26.27
N PRO A 11 9.02 6.29 -27.16
CA PRO A 11 9.08 5.04 -27.95
C PRO A 11 10.01 5.06 -29.17
N VAL A 12 11.20 4.41 -29.02
CA VAL A 12 12.25 4.33 -30.03
C VAL A 12 11.79 3.70 -31.35
N GLY A 13 10.99 2.63 -31.25
CA GLY A 13 10.46 1.88 -32.38
C GLY A 13 9.42 2.63 -33.15
N ARG A 14 8.51 3.31 -32.43
CA ARG A 14 7.47 4.17 -33.02
C ARG A 14 8.14 5.36 -33.73
N ILE A 15 9.21 5.93 -33.12
CA ILE A 15 10.00 7.02 -33.66
C ILE A 15 10.81 6.56 -34.89
N HIS A 16 11.33 5.32 -34.86
CA HIS A 16 12.03 4.70 -35.97
C HIS A 16 11.08 4.66 -37.16
N ARG A 17 9.85 4.12 -36.95
CA ARG A 17 8.78 4.02 -37.96
C ARG A 17 8.44 5.38 -38.55
N HIS A 18 8.36 6.44 -37.70
CA HIS A 18 8.07 7.79 -38.15
C HIS A 18 9.21 8.42 -38.92
N LEU A 19 10.47 8.15 -38.50
CA LEU A 19 11.65 8.64 -39.23
C LEU A 19 11.68 7.96 -40.61
N LYS A 20 11.52 6.62 -40.65
CA LYS A 20 11.50 5.81 -41.87
C LYS A 20 10.55 6.36 -42.94
N SER A 21 9.36 6.84 -42.51
CA SER A 21 8.36 7.42 -43.41
C SER A 21 8.78 8.77 -44.00
N ARG A 22 9.74 9.49 -43.36
CA ARG A 22 10.24 10.79 -43.81
C ARG A 22 11.48 10.68 -44.69
N THR A 23 12.15 9.52 -44.71
CA THR A 23 13.32 9.35 -45.56
C THR A 23 12.94 9.18 -47.02
N THR A 24 13.89 9.53 -47.89
CA THR A 24 13.77 9.40 -49.32
C THR A 24 13.97 7.94 -49.69
N SER A 25 13.64 7.60 -50.94
CA SER A 25 13.74 6.25 -51.51
C SER A 25 15.05 5.55 -51.18
N HIS A 26 14.96 4.23 -50.83
CA HIS A 26 16.06 3.34 -50.43
C HIS A 26 16.69 3.68 -49.08
N GLY A 27 16.35 4.86 -48.56
CA GLY A 27 16.84 5.35 -47.28
C GLY A 27 16.54 4.40 -46.15
N ARG A 28 17.52 4.24 -45.27
CA ARG A 28 17.39 3.41 -44.08
C ARG A 28 17.51 4.33 -42.87
N VAL A 29 17.02 3.85 -41.73
CA VAL A 29 17.06 4.55 -40.44
C VAL A 29 17.60 3.54 -39.42
N GLY A 30 18.77 3.82 -38.86
CA GLY A 30 19.37 2.96 -37.87
C GLY A 30 18.84 3.18 -36.46
N ALA A 31 19.03 2.19 -35.56
CA ALA A 31 18.62 2.28 -34.14
C ALA A 31 19.12 3.59 -33.48
N THR A 32 20.37 4.03 -33.74
CA THR A 32 20.98 5.26 -33.21
C THR A 32 20.13 6.52 -33.47
N ALA A 33 19.65 6.70 -34.73
CA ALA A 33 18.77 7.80 -35.17
C ALA A 33 17.51 7.87 -34.32
N ALA A 34 16.84 6.73 -34.09
CA ALA A 34 15.61 6.64 -33.28
C ALA A 34 15.88 6.89 -31.79
N VAL A 35 16.95 6.28 -31.27
CA VAL A 35 17.35 6.39 -29.86
C VAL A 35 17.75 7.83 -29.54
N TYR A 36 18.52 8.49 -30.44
CA TYR A 36 18.92 9.87 -30.28
C TYR A 36 17.70 10.79 -30.37
N SER A 37 16.78 10.53 -31.34
CA SER A 37 15.54 11.33 -31.56
C SER A 37 14.58 11.26 -30.36
N ALA A 38 14.40 10.04 -29.80
CA ALA A 38 13.52 9.79 -28.65
C ALA A 38 14.00 10.58 -27.44
N ALA A 39 15.35 10.52 -27.21
CA ALA A 39 16.07 11.21 -26.15
C ALA A 39 15.86 12.68 -26.18
N ILE A 40 15.87 13.29 -27.39
CA ILE A 40 15.72 14.74 -27.54
C ILE A 40 14.31 15.24 -27.32
N LEU A 41 13.32 14.50 -27.81
CA LEU A 41 11.93 14.86 -27.56
C LEU A 41 11.59 14.57 -26.08
N GLU A 42 12.27 13.62 -25.44
CA GLU A 42 12.03 13.36 -24.02
C GLU A 42 12.68 14.46 -23.20
N TYR A 43 13.75 15.08 -23.74
CA TYR A 43 14.45 16.18 -23.08
C TYR A 43 13.60 17.43 -23.16
N LEU A 44 13.13 17.79 -24.36
CA LEU A 44 12.27 18.95 -24.56
C LEU A 44 10.97 18.86 -23.77
N THR A 45 10.35 17.64 -23.70
CA THR A 45 9.13 17.41 -22.92
C THR A 45 9.43 17.71 -21.42
N ALA A 46 10.52 17.11 -20.89
CA ALA A 46 10.93 17.31 -19.51
C ALA A 46 11.18 18.80 -19.22
N GLU A 47 11.86 19.53 -20.12
CA GLU A 47 12.15 20.95 -20.00
C GLU A 47 10.92 21.81 -19.82
N VAL A 48 9.88 21.59 -20.67
CA VAL A 48 8.57 22.26 -20.62
C VAL A 48 7.84 21.93 -19.32
N LEU A 49 7.62 20.62 -19.03
CA LEU A 49 6.89 20.18 -17.85
C LEU A 49 7.55 20.57 -16.52
N GLU A 50 8.90 20.62 -16.50
CA GLU A 50 9.65 21.05 -15.33
C GLU A 50 9.22 22.47 -14.94
N LEU A 51 9.25 23.42 -15.89
CA LEU A 51 8.85 24.80 -15.64
C LEU A 51 7.37 24.93 -15.41
N ALA A 52 6.57 24.12 -16.15
CA ALA A 52 5.11 24.13 -16.13
C ALA A 52 4.57 23.70 -14.78
N GLY A 53 5.27 22.82 -14.09
CA GLY A 53 4.89 22.37 -12.75
C GLY A 53 5.43 23.29 -11.68
N ASN A 54 6.18 24.33 -12.08
CA ASN A 54 6.73 25.33 -11.16
C ASN A 54 6.19 26.75 -11.50
N ALA A 55 5.18 26.83 -12.42
CA ALA A 55 4.57 28.08 -12.87
C ALA A 55 3.54 28.62 -11.84
N SER A 56 4.08 29.02 -10.65
CA SER A 56 3.31 29.58 -9.52
C SER A 56 4.22 30.31 -8.54
N LYS A 57 3.75 31.42 -7.94
CA LYS A 57 4.54 32.13 -6.92
C LYS A 57 4.66 31.27 -5.65
N ASP A 58 3.68 30.35 -5.45
CA ASP A 58 3.60 29.35 -4.38
C ASP A 58 4.39 28.08 -4.82
N LEU A 59 5.14 28.18 -5.93
CA LEU A 59 5.99 27.17 -6.58
C LEU A 59 5.33 25.84 -7.01
N LYS A 60 4.47 25.26 -6.18
CA LYS A 60 3.80 24.00 -6.49
C LYS A 60 2.58 24.24 -7.41
N VAL A 61 2.46 23.42 -8.46
CA VAL A 61 1.35 23.42 -9.42
C VAL A 61 0.76 22.00 -9.30
N LYS A 62 -0.43 21.86 -8.67
CA LYS A 62 -1.10 20.55 -8.48
C LYS A 62 -1.46 19.86 -9.80
N ARG A 63 -2.02 20.63 -10.76
CA ARG A 63 -2.41 20.19 -12.10
C ARG A 63 -1.96 21.21 -13.16
N ILE A 64 -1.21 20.77 -14.18
CA ILE A 64 -0.71 21.64 -15.26
C ILE A 64 -1.87 21.89 -16.23
N THR A 65 -2.14 23.18 -16.51
CA THR A 65 -3.20 23.62 -17.44
C THR A 65 -2.48 24.33 -18.62
N PRO A 66 -3.16 24.73 -19.73
CA PRO A 66 -2.44 25.48 -20.79
C PRO A 66 -1.82 26.80 -20.29
N ARG A 67 -2.41 27.39 -19.20
CA ARG A 67 -1.89 28.61 -18.56
C ARG A 67 -0.45 28.40 -18.10
N HIS A 68 -0.17 27.24 -17.46
CA HIS A 68 1.14 26.82 -16.95
C HIS A 68 2.13 26.57 -18.06
N LEU A 69 1.67 25.98 -19.20
CA LEU A 69 2.49 25.72 -20.39
C LEU A 69 2.84 27.02 -21.08
N GLN A 70 1.91 27.98 -21.09
CA GLN A 70 2.15 29.26 -21.70
C GLN A 70 3.28 29.90 -20.91
N LEU A 71 3.15 29.95 -19.56
CA LEU A 71 4.08 30.49 -18.58
C LEU A 71 5.47 29.85 -18.66
N ALA A 72 5.55 28.50 -18.83
CA ALA A 72 6.80 27.74 -18.94
C ALA A 72 7.48 28.04 -20.29
N ILE A 73 6.71 28.03 -21.40
CA ILE A 73 7.25 28.26 -22.74
C ILE A 73 7.57 29.75 -22.95
N ARG A 74 6.61 30.65 -22.74
CA ARG A 74 6.82 32.07 -22.83
C ARG A 74 7.83 32.60 -21.80
N GLY A 75 7.92 31.94 -20.66
CA GLY A 75 8.83 32.31 -19.58
C GLY A 75 10.23 31.74 -19.71
N ASP A 76 10.59 31.27 -20.92
CA ASP A 76 11.89 30.72 -21.26
C ASP A 76 12.27 31.24 -22.61
N GLU A 77 13.37 32.05 -22.68
CA GLU A 77 13.86 32.61 -23.94
C GLU A 77 14.04 31.52 -25.00
N GLU A 78 14.74 30.44 -24.62
CA GLU A 78 15.04 29.31 -25.48
C GLU A 78 13.79 28.57 -25.95
N LEU A 79 12.92 28.13 -25.01
CA LEU A 79 11.66 27.46 -25.37
C LEU A 79 10.69 28.31 -26.22
N ASP A 80 10.64 29.64 -25.98
CA ASP A 80 9.81 30.59 -26.73
C ASP A 80 10.34 30.74 -28.18
N SER A 81 11.65 30.89 -28.30
CA SER A 81 12.34 31.01 -29.56
C SER A 81 12.10 29.74 -30.40
N LEU A 82 12.26 28.53 -29.78
CA LEU A 82 12.03 27.24 -30.44
C LEU A 82 10.58 27.11 -31.00
N ILE A 83 9.53 27.19 -30.14
CA ILE A 83 8.12 27.10 -30.56
C ILE A 83 7.72 28.06 -31.69
N LYS A 84 8.15 29.33 -31.63
CA LYS A 84 7.85 30.38 -32.61
C LYS A 84 8.55 30.14 -33.97
N ALA A 85 9.66 29.39 -33.97
CA ALA A 85 10.43 29.02 -35.16
C ALA A 85 9.86 27.74 -35.77
N THR A 86 9.36 26.80 -34.91
CA THR A 86 8.77 25.51 -35.30
C THR A 86 7.49 25.78 -36.09
N ILE A 87 6.68 26.74 -35.60
CA ILE A 87 5.42 27.14 -36.18
C ILE A 87 5.65 27.89 -37.48
N ALA A 88 6.63 28.84 -37.51
CA ALA A 88 7.00 29.63 -38.69
C ALA A 88 7.40 28.76 -39.90
N GLY A 89 8.11 27.65 -39.65
CA GLY A 89 8.55 26.72 -40.67
C GLY A 89 9.71 25.85 -40.22
N GLU B 6 1.16 11.12 -34.79
CA GLU B 6 1.12 10.08 -33.76
C GLU B 6 0.88 10.62 -32.33
N SER B 7 0.57 9.73 -31.35
CA SER B 7 0.27 10.12 -29.97
C SER B 7 1.39 9.81 -29.03
N TYR B 8 1.92 10.85 -28.42
CA TYR B 8 3.01 10.72 -27.48
C TYR B 8 2.48 11.07 -26.07
N SER B 9 1.14 11.23 -25.93
CA SER B 9 0.44 11.61 -24.69
C SER B 9 0.69 10.72 -23.48
N ILE B 10 0.83 9.43 -23.71
CA ILE B 10 1.11 8.44 -22.68
C ILE B 10 2.56 8.66 -22.22
N TYR B 11 3.45 8.94 -23.19
CA TYR B 11 4.88 9.14 -22.96
C TYR B 11 5.15 10.48 -22.30
N VAL B 12 4.41 11.52 -22.68
CA VAL B 12 4.52 12.84 -22.07
C VAL B 12 4.13 12.69 -20.60
N TYR B 13 3.11 11.85 -20.29
CA TYR B 13 2.66 11.62 -18.91
C TYR B 13 3.72 10.88 -18.08
N LYS B 14 4.36 9.85 -18.69
CA LYS B 14 5.43 9.03 -18.08
C LYS B 14 6.53 9.97 -17.59
N VAL B 15 7.01 10.84 -18.49
CA VAL B 15 7.99 11.89 -18.23
C VAL B 15 7.47 12.79 -17.08
N LEU B 16 6.22 13.30 -17.19
CA LEU B 16 5.64 14.17 -16.15
C LEU B 16 5.85 13.61 -14.74
N LYS B 17 5.54 12.30 -14.54
CA LYS B 17 5.70 11.57 -13.28
C LYS B 17 7.14 11.42 -12.83
N GLN B 18 8.11 11.61 -13.75
CA GLN B 18 9.54 11.56 -13.43
C GLN B 18 9.99 12.98 -12.99
N VAL B 19 9.55 14.05 -13.72
CA VAL B 19 9.90 15.44 -13.36
C VAL B 19 9.14 15.95 -12.11
N HIS B 20 7.80 15.81 -12.11
CA HIS B 20 6.96 16.24 -11.01
C HIS B 20 6.00 15.11 -10.61
N PRO B 21 6.50 14.17 -9.76
CA PRO B 21 5.66 13.01 -9.36
C PRO B 21 4.23 13.23 -8.90
N ASP B 22 3.95 14.29 -8.11
CA ASP B 22 2.60 14.55 -7.57
C ASP B 22 1.86 15.70 -8.27
N THR B 23 2.20 15.92 -9.55
CA THR B 23 1.64 16.96 -10.42
C THR B 23 0.97 16.29 -11.61
N GLY B 24 -0.31 16.60 -11.78
CA GLY B 24 -1.15 16.15 -12.89
C GLY B 24 -1.11 17.14 -14.02
N ILE B 25 -1.84 16.83 -15.09
CA ILE B 25 -1.94 17.63 -16.31
C ILE B 25 -3.39 17.59 -16.84
N SER B 26 -3.88 18.73 -17.33
CA SER B 26 -5.23 18.75 -17.90
C SER B 26 -5.20 18.11 -19.34
N SER B 27 -6.39 17.69 -19.84
CA SER B 27 -6.55 17.13 -21.18
C SER B 27 -6.14 18.14 -22.30
N LYS B 28 -6.53 19.44 -22.16
CA LYS B 28 -6.19 20.52 -23.09
C LYS B 28 -4.70 20.72 -23.10
N ALA B 29 -4.07 20.74 -21.89
CA ALA B 29 -2.62 20.86 -21.70
C ALA B 29 -1.92 19.62 -22.32
N MET B 30 -2.56 18.43 -22.23
CA MET B 30 -2.01 17.22 -22.84
C MET B 30 -1.96 17.29 -24.36
N GLY B 31 -3.04 17.78 -24.96
CA GLY B 31 -3.12 17.98 -26.40
C GLY B 31 -2.14 19.02 -26.92
N ILE B 32 -1.81 20.04 -26.06
CA ILE B 32 -0.84 21.07 -26.41
C ILE B 32 0.53 20.44 -26.48
N MET B 33 0.89 19.68 -25.43
CA MET B 33 2.16 18.98 -25.34
C MET B 33 2.38 18.04 -26.50
N ASN B 34 1.36 17.19 -26.80
CA ASN B 34 1.43 16.22 -27.89
C ASN B 34 1.58 16.90 -29.26
N SER B 35 0.84 18.01 -29.48
CA SER B 35 0.89 18.81 -30.70
C SER B 35 2.30 19.39 -30.89
N PHE B 36 2.90 19.90 -29.79
CA PHE B 36 4.24 20.47 -29.76
C PHE B 36 5.33 19.44 -30.09
N VAL B 37 5.31 18.27 -29.44
CA VAL B 37 6.26 17.16 -29.61
C VAL B 37 6.23 16.64 -31.06
N ASN B 38 5.04 16.65 -31.68
CA ASN B 38 4.86 16.24 -33.06
C ASN B 38 5.52 17.25 -34.01
N ASP B 39 5.31 18.54 -33.75
CA ASP B 39 5.85 19.65 -34.56
C ASP B 39 7.38 19.67 -34.63
N ILE B 40 8.01 19.60 -33.45
CA ILE B 40 9.47 19.51 -33.28
C ILE B 40 9.96 18.25 -34.04
N PHE B 41 9.29 17.11 -33.83
CA PHE B 41 9.72 15.88 -34.47
C PHE B 41 9.79 15.95 -35.99
N GLU B 42 8.76 16.51 -36.62
CA GLU B 42 8.70 16.64 -38.07
C GLU B 42 9.84 17.45 -38.61
N ARG B 43 10.24 18.50 -37.86
CA ARG B 43 11.36 19.39 -38.16
C ARG B 43 12.68 18.64 -38.15
N ILE B 44 12.94 17.87 -37.07
CA ILE B 44 14.15 17.05 -36.87
C ILE B 44 14.20 15.94 -37.96
N ALA B 45 13.07 15.21 -38.13
CA ALA B 45 12.89 14.14 -39.11
C ALA B 45 13.06 14.68 -40.53
N GLY B 46 12.57 15.88 -40.79
CA GLY B 46 12.71 16.57 -42.07
C GLY B 46 14.13 17.00 -42.36
N GLU B 47 14.82 17.59 -41.36
CA GLU B 47 16.20 18.03 -41.53
C GLU B 47 17.16 16.87 -41.70
N ALA B 48 16.98 15.79 -40.90
CA ALA B 48 17.83 14.61 -40.94
C ALA B 48 17.70 13.86 -42.27
N SER B 49 16.47 13.78 -42.82
CA SER B 49 16.21 13.16 -44.14
C SER B 49 16.84 14.03 -45.25
N ARG B 50 16.68 15.37 -45.15
CA ARG B 50 17.26 16.30 -46.11
C ARG B 50 18.78 16.18 -46.09
N LEU B 51 19.41 16.18 -44.89
CA LEU B 51 20.87 16.11 -44.85
C LEU B 51 21.46 14.72 -45.15
N ALA B 52 20.61 13.68 -45.05
CA ALA B 52 20.98 12.30 -45.43
C ALA B 52 20.94 12.16 -46.96
N HIS B 53 20.00 12.88 -47.62
CA HIS B 53 19.91 12.86 -49.07
C HIS B 53 21.03 13.75 -49.68
N TYR B 54 21.22 14.98 -49.15
CA TYR B 54 22.25 15.94 -49.57
C TYR B 54 23.66 15.31 -49.60
N ASN B 55 24.01 14.56 -48.55
CA ASN B 55 25.28 13.84 -48.49
C ASN B 55 24.99 12.44 -49.01
N LYS B 56 26.00 11.68 -49.42
CA LYS B 56 25.77 10.35 -50.02
C LYS B 56 25.41 9.27 -48.96
N ARG B 57 24.44 9.59 -48.09
CA ARG B 57 24.00 8.71 -47.01
C ARG B 57 22.74 7.91 -47.28
N SER B 58 22.85 6.58 -47.12
CA SER B 58 21.78 5.61 -47.26
C SER B 58 21.02 5.53 -45.91
N THR B 59 21.79 5.33 -44.83
CA THR B 59 21.30 5.18 -43.48
C THR B 59 21.25 6.51 -42.70
N ILE B 60 20.12 6.80 -42.04
CA ILE B 60 20.01 7.95 -41.16
C ILE B 60 20.48 7.44 -39.80
N THR B 61 21.45 8.15 -39.20
CA THR B 61 22.00 7.81 -37.89
C THR B 61 21.94 9.01 -36.96
N SER B 62 22.44 8.81 -35.75
CA SER B 62 22.56 9.83 -34.72
C SER B 62 23.43 11.03 -35.20
N ARG B 63 24.21 10.83 -36.28
CA ARG B 63 25.10 11.81 -36.92
C ARG B 63 24.24 12.96 -37.50
N GLU B 64 23.20 12.56 -38.26
CA GLU B 64 22.23 13.42 -38.93
C GLU B 64 21.30 14.14 -37.93
N ILE B 65 20.82 13.41 -36.87
CA ILE B 65 19.96 13.94 -35.80
C ILE B 65 20.75 14.99 -35.04
N GLN B 66 22.01 14.69 -34.68
CA GLN B 66 22.85 15.64 -33.98
C GLN B 66 23.04 16.91 -34.80
N THR B 67 23.26 16.78 -36.11
CA THR B 67 23.46 17.93 -37.00
C THR B 67 22.21 18.82 -37.01
N ALA B 68 21.04 18.14 -37.10
CA ALA B 68 19.68 18.71 -37.12
C ALA B 68 19.36 19.41 -35.78
N VAL B 69 19.57 18.73 -34.61
CA VAL B 69 19.33 19.31 -33.27
C VAL B 69 20.14 20.61 -33.16
N ARG B 70 21.44 20.56 -33.45
CA ARG B 70 22.36 21.70 -33.45
C ARG B 70 21.83 22.89 -34.28
N LEU B 71 21.20 22.58 -35.43
CA LEU B 71 20.60 23.53 -36.37
C LEU B 71 19.27 24.10 -35.89
N LEU B 72 18.44 23.28 -35.24
CA LEU B 72 17.08 23.68 -34.87
C LEU B 72 16.81 24.15 -33.46
N LEU B 73 17.65 23.76 -32.50
CA LEU B 73 17.45 24.16 -31.11
C LEU B 73 18.34 25.33 -30.69
N PRO B 74 17.74 26.38 -30.06
CA PRO B 74 18.56 27.53 -29.64
C PRO B 74 19.43 27.25 -28.41
N GLY B 75 20.33 28.20 -28.15
CA GLY B 75 21.29 28.22 -27.04
C GLY B 75 21.64 26.92 -26.33
N GLU B 76 21.38 26.91 -25.02
CA GLU B 76 21.63 25.81 -24.08
C GLU B 76 20.70 24.61 -24.32
N LEU B 77 19.55 24.78 -25.05
CA LEU B 77 18.66 23.65 -25.34
C LEU B 77 19.38 22.68 -26.28
N ALA B 78 20.05 23.21 -27.32
CA ALA B 78 20.80 22.42 -28.31
C ALA B 78 21.92 21.70 -27.61
N LYS B 79 22.72 22.43 -26.80
CA LYS B 79 23.84 21.92 -26.03
C LYS B 79 23.42 20.71 -25.12
N HIS B 80 22.33 20.87 -24.37
CA HIS B 80 21.86 19.81 -23.48
C HIS B 80 21.18 18.68 -24.21
N ALA B 81 20.48 18.96 -25.31
CA ALA B 81 19.75 17.90 -26.01
C ALA B 81 20.72 16.94 -26.64
N VAL B 82 21.86 17.48 -27.10
CA VAL B 82 22.99 16.78 -27.69
C VAL B 82 23.54 15.72 -26.71
N SER B 83 23.73 16.11 -25.44
CA SER B 83 24.22 15.24 -24.39
C SER B 83 23.25 14.13 -24.03
N GLU B 84 21.95 14.43 -23.97
CA GLU B 84 20.87 13.46 -23.73
C GLU B 84 20.78 12.41 -24.84
N GLY B 85 20.94 12.85 -26.10
CA GLY B 85 20.92 12.01 -27.29
C GLY B 85 22.13 11.08 -27.38
N THR B 86 23.34 11.63 -27.13
CA THR B 86 24.60 10.90 -27.11
C THR B 86 24.54 9.88 -25.98
N LYS B 87 24.13 10.30 -24.77
CA LYS B 87 24.03 9.46 -23.57
C LYS B 87 23.14 8.24 -23.80
N ALA B 88 21.96 8.43 -24.45
CA ALA B 88 21.00 7.36 -24.77
C ALA B 88 21.60 6.42 -25.79
N VAL B 89 22.14 6.94 -26.92
CA VAL B 89 22.82 6.11 -27.94
C VAL B 89 23.91 5.28 -27.24
N THR B 90 24.72 5.93 -26.39
CA THR B 90 25.78 5.27 -25.62
C THR B 90 25.22 4.13 -24.76
N LYS B 91 24.12 4.37 -24.00
CA LYS B 91 23.63 3.28 -23.19
C LYS B 91 22.84 2.23 -23.95
N TYR B 92 22.31 2.58 -25.14
CA TYR B 92 21.63 1.59 -25.96
C TYR B 92 22.67 0.63 -26.61
N THR B 93 23.72 1.20 -27.19
CA THR B 93 24.77 0.44 -27.88
C THR B 93 25.67 -0.43 -26.93
N SER B 94 25.51 -0.30 -25.58
CA SER B 94 26.28 -0.91 -24.49
C SER B 94 25.73 -2.20 -23.87
N ALA B 95 26.59 -2.90 -23.08
CA ALA B 95 26.39 -4.17 -22.34
C ALA B 95 24.96 -4.72 -22.27
N PRO C 8 27.46 43.46 -7.17
CA PRO C 8 26.46 42.94 -8.14
C PRO C 8 25.60 41.84 -7.52
N ARG C 9 24.28 42.13 -7.28
CA ARG C 9 23.37 41.16 -6.67
C ARG C 9 22.98 40.07 -7.64
N LYS C 10 22.98 38.84 -7.16
CA LYS C 10 22.59 37.68 -7.96
C LYS C 10 21.08 37.68 -8.26
N THR C 11 20.29 38.30 -7.39
CA THR C 11 18.83 38.38 -7.46
C THR C 11 18.32 39.69 -8.16
N ALA C 12 19.23 40.64 -8.46
CA ALA C 12 18.85 41.90 -9.08
C ALA C 12 18.10 41.69 -10.39
N GLY C 13 17.05 42.50 -10.58
CA GLY C 13 16.18 42.46 -11.75
C GLY C 13 15.66 41.10 -12.14
N ASN C 14 15.49 40.20 -11.14
CA ASN C 14 15.03 38.82 -11.35
C ASN C 14 13.63 38.67 -12.04
N ARG C 15 12.82 39.74 -12.13
CA ARG C 15 11.51 39.69 -12.80
C ARG C 15 11.40 40.59 -13.96
N LEU C 16 12.42 41.42 -14.21
CA LEU C 16 12.45 42.42 -15.27
C LEU C 16 12.24 41.78 -16.65
N SER C 17 12.98 40.72 -16.97
CA SER C 17 12.86 39.94 -18.21
C SER C 17 11.37 39.64 -18.59
N GLY C 18 10.60 39.09 -17.65
CA GLY C 18 9.19 38.73 -17.80
C GLY C 18 8.26 39.92 -17.85
N LEU C 19 8.51 40.91 -17.01
CA LEU C 19 7.74 42.16 -16.94
C LEU C 19 7.81 42.88 -18.30
N LEU C 20 9.00 42.89 -18.93
CA LEU C 20 9.23 43.45 -20.26
C LEU C 20 8.49 42.61 -21.27
N GLU C 21 8.56 41.26 -21.13
CA GLU C 21 7.85 40.32 -22.00
C GLU C 21 6.33 40.50 -21.93
N ALA C 22 5.79 40.69 -20.72
CA ALA C 22 4.36 40.88 -20.47
C ALA C 22 3.79 42.26 -20.89
N GLU C 23 4.28 42.81 -22.02
CA GLU C 23 3.80 44.10 -22.58
C GLU C 23 3.73 43.92 -24.10
N ASP C 26 0.87 39.00 -26.34
CA ASP C 26 1.40 37.93 -27.19
C ASP C 26 0.30 37.07 -27.82
N GLU C 27 -0.09 37.46 -29.05
CA GLU C 27 -1.13 36.80 -29.84
C GLU C 27 -0.74 35.39 -30.28
N PHE C 28 0.57 35.06 -30.29
CA PHE C 28 1.06 33.72 -30.65
C PHE C 28 0.43 32.66 -29.75
N TYR C 29 0.50 32.88 -28.43
CA TYR C 29 -0.01 32.00 -27.41
C TYR C 29 -1.52 31.90 -27.32
N GLN C 30 -2.22 32.79 -28.01
CA GLN C 30 -3.68 32.87 -28.09
C GLN C 30 -4.15 32.18 -29.39
N THR C 31 -3.29 32.18 -30.45
CA THR C 31 -3.56 31.58 -31.75
C THR C 31 -2.96 30.19 -31.94
N THR C 32 -1.82 29.86 -31.28
CA THR C 32 -1.17 28.54 -31.42
C THR C 32 -1.89 27.43 -30.67
N TYR C 33 -1.93 26.22 -31.27
CA TYR C 33 -2.51 24.97 -30.75
C TYR C 33 -3.89 25.12 -30.04
N GLY C 34 -4.79 25.89 -30.63
CA GLY C 34 -6.09 26.14 -30.03
C GLY C 34 -6.07 27.03 -28.81
N GLY C 35 -5.03 27.85 -28.68
CA GLY C 35 -4.87 28.76 -27.56
C GLY C 35 -4.24 28.11 -26.34
N PHE C 36 -3.37 28.85 -25.64
CA PHE C 36 -2.72 28.38 -24.41
C PHE C 36 -3.48 28.98 -23.19
N THR C 37 -4.79 28.71 -23.16
CA THR C 37 -5.68 29.26 -22.16
C THR C 37 -6.48 28.22 -21.41
N GLU C 38 -6.85 28.55 -20.18
CA GLU C 38 -7.68 27.70 -19.35
C GLU C 38 -9.09 27.85 -19.90
N GLU C 39 -9.83 26.75 -19.87
CA GLU C 39 -11.19 26.69 -20.35
C GLU C 39 -12.03 25.97 -19.27
N SER C 40 -13.33 26.35 -19.15
CA SER C 40 -14.24 25.72 -18.19
C SER C 40 -14.44 24.24 -18.56
N GLY C 41 -14.51 23.39 -17.54
CA GLY C 41 -14.74 21.96 -17.69
C GLY C 41 -13.68 21.25 -18.51
N ASP C 42 -12.42 21.70 -18.36
CA ASP C 42 -11.23 21.15 -19.00
C ASP C 42 -10.80 20.02 -18.11
N ASP C 43 -11.27 18.81 -18.44
CA ASP C 43 -11.04 17.57 -17.71
C ASP C 43 -9.54 17.26 -17.50
N GLU C 44 -9.24 16.44 -16.48
CA GLU C 44 -7.90 15.99 -16.17
C GLU C 44 -7.51 14.80 -17.05
N TYR C 45 -6.26 14.78 -17.52
CA TYR C 45 -5.73 13.66 -18.31
C TYR C 45 -5.50 12.45 -17.42
N GLN C 46 -6.30 11.39 -17.65
CA GLN C 46 -6.20 10.11 -16.94
C GLN C 46 -5.25 9.17 -17.74
N GLY C 47 -4.02 9.00 -17.21
CA GLY C 47 -2.99 8.15 -17.82
C GLY C 47 -1.94 7.63 -16.85
N THR C 52 1.37 1.21 -21.88
CA THR C 52 2.76 1.56 -22.20
C THR C 52 3.41 0.49 -23.11
N GLU C 53 3.29 0.68 -24.45
CA GLU C 53 3.81 -0.29 -25.43
C GLU C 53 4.40 0.34 -26.67
N ASP C 54 5.55 -0.20 -27.12
CA ASP C 54 6.26 0.24 -28.30
C ASP C 54 5.96 -0.76 -29.43
N GLU C 55 6.14 -0.31 -30.69
CA GLU C 55 5.94 -1.04 -31.95
C GLU C 55 7.29 -0.95 -32.62
N VAL C 56 7.92 -2.11 -32.91
CA VAL C 56 9.29 -2.20 -33.46
C VAL C 56 9.29 -3.00 -34.74
N ASP C 57 9.80 -2.41 -35.84
CA ASP C 57 9.93 -3.03 -37.18
C ASP C 57 11.13 -3.95 -37.19
N SER C 58 11.20 -4.87 -38.16
CA SER C 58 12.27 -5.87 -38.28
C SER C 58 13.68 -5.29 -38.57
N ASP C 59 13.70 -4.10 -39.15
CA ASP C 59 14.93 -3.42 -39.53
C ASP C 59 15.40 -2.40 -38.46
N PHE C 60 15.02 -2.61 -37.19
CA PHE C 60 15.43 -1.65 -36.17
C PHE C 60 16.94 -1.70 -35.89
N ASP C 61 17.51 -2.92 -35.85
CA ASP C 61 18.92 -3.16 -35.56
C ASP C 61 19.68 -3.66 -36.76
N ILE C 62 19.85 -2.77 -37.75
CA ILE C 62 20.55 -3.01 -39.00
C ILE C 62 21.98 -2.42 -38.96
N ASP C 63 22.86 -2.86 -39.88
CA ASP C 63 24.22 -2.32 -39.95
C ASP C 63 24.18 -0.91 -40.52
N GLU C 64 24.63 0.04 -39.70
CA GLU C 64 24.67 1.47 -40.02
C GLU C 64 25.95 1.88 -40.77
N SER D 1 -2.18 -0.71 -22.73
CA SER D 1 -1.41 -1.72 -23.45
C SER D 1 -2.31 -2.85 -24.02
N ARG D 2 -1.81 -3.56 -25.06
CA ARG D 2 -2.52 -4.68 -25.69
C ARG D 2 -2.81 -5.79 -24.67
N SER D 3 -1.86 -6.06 -23.74
CA SER D 3 -2.00 -7.06 -22.67
C SER D 3 -3.12 -6.65 -21.71
N GLN D 4 -3.23 -5.33 -21.45
CA GLN D 4 -4.22 -4.71 -20.57
C GLN D 4 -5.58 -4.72 -21.28
N ARG D 5 -5.57 -4.57 -22.62
CA ARG D 5 -6.76 -4.64 -23.47
C ARG D 5 -7.35 -6.05 -23.30
N ALA D 6 -6.48 -7.07 -23.33
CA ALA D 6 -6.82 -8.49 -23.18
C ALA D 6 -7.01 -8.92 -21.70
N GLY D 7 -6.76 -7.99 -20.77
CA GLY D 7 -6.90 -8.22 -19.34
C GLY D 7 -5.93 -9.22 -18.76
N LEU D 8 -4.72 -9.27 -19.35
CA LEU D 8 -3.63 -10.15 -19.01
C LEU D 8 -2.44 -9.45 -18.42
N GLN D 9 -1.61 -10.23 -17.70
CA GLN D 9 -0.33 -9.84 -17.07
C GLN D 9 0.82 -10.29 -17.95
N PHE D 10 0.63 -11.43 -18.65
CA PHE D 10 1.61 -11.98 -19.57
C PHE D 10 1.82 -11.09 -20.78
N PRO D 11 3.05 -10.96 -21.31
CA PRO D 11 3.30 -10.00 -22.41
C PRO D 11 2.93 -10.48 -23.80
N VAL D 12 1.84 -9.91 -24.37
CA VAL D 12 1.35 -10.30 -25.69
C VAL D 12 2.42 -10.20 -26.80
N GLY D 13 3.22 -9.14 -26.75
CA GLY D 13 4.32 -8.90 -27.68
C GLY D 13 5.43 -9.93 -27.60
N ARG D 14 5.90 -10.27 -26.37
CA ARG D 14 6.96 -11.27 -26.18
C ARG D 14 6.48 -12.63 -26.66
N ILE D 15 5.22 -12.99 -26.30
CA ILE D 15 4.54 -14.23 -26.67
C ILE D 15 4.40 -14.37 -28.23
N HIS D 16 3.87 -13.32 -28.91
CA HIS D 16 3.76 -13.24 -30.38
C HIS D 16 5.15 -13.49 -31.04
N ARG D 17 6.18 -12.72 -30.58
CA ARG D 17 7.57 -12.84 -31.01
C ARG D 17 8.06 -14.26 -30.75
N HIS D 18 7.75 -14.81 -29.57
CA HIS D 18 8.14 -16.17 -29.22
C HIS D 18 7.49 -17.17 -30.17
N LEU D 19 6.16 -17.03 -30.47
CA LEU D 19 5.45 -17.89 -31.44
C LEU D 19 6.08 -17.74 -32.82
N LYS D 20 6.49 -16.50 -33.18
CA LYS D 20 7.15 -16.28 -34.47
C LYS D 20 8.49 -17.03 -34.57
N SER D 21 9.25 -17.10 -33.46
CA SER D 21 10.52 -17.83 -33.36
C SER D 21 10.38 -19.35 -33.66
N ARG D 22 9.19 -19.95 -33.44
CA ARG D 22 8.95 -21.37 -33.71
C ARG D 22 8.75 -21.68 -35.21
N ARG D 28 3.24 -15.98 -40.80
CA ARG D 28 2.58 -14.99 -39.95
C ARG D 28 1.77 -15.55 -38.77
N VAL D 29 1.85 -14.84 -37.61
CA VAL D 29 1.15 -15.14 -36.34
C VAL D 29 0.30 -13.90 -36.02
N GLY D 30 -1.01 -14.06 -35.94
CA GLY D 30 -1.89 -12.94 -35.63
C GLY D 30 -2.12 -12.68 -34.16
N ALA D 31 -2.53 -11.44 -33.84
CA ALA D 31 -2.89 -10.94 -32.49
C ALA D 31 -3.66 -11.95 -31.61
N THR D 32 -4.68 -12.63 -32.18
CA THR D 32 -5.52 -13.59 -31.47
C THR D 32 -4.76 -14.78 -30.96
N ALA D 33 -3.74 -15.22 -31.72
CA ALA D 33 -2.92 -16.37 -31.33
C ALA D 33 -2.02 -16.01 -30.16
N ALA D 34 -1.43 -14.79 -30.18
CA ALA D 34 -0.55 -14.30 -29.12
C ALA D 34 -1.36 -14.10 -27.84
N VAL D 35 -2.53 -13.43 -27.97
CA VAL D 35 -3.47 -13.13 -26.88
C VAL D 35 -3.96 -14.40 -26.21
N TYR D 36 -4.50 -15.37 -27.01
CA TYR D 36 -4.98 -16.66 -26.50
C TYR D 36 -3.83 -17.38 -25.81
N SER D 37 -2.63 -17.39 -26.44
CA SER D 37 -1.44 -18.05 -25.88
C SER D 37 -1.07 -17.48 -24.54
N ALA D 38 -0.94 -16.15 -24.46
CA ALA D 38 -0.65 -15.43 -23.24
C ALA D 38 -1.72 -15.75 -22.18
N ALA D 39 -3.01 -15.78 -22.61
CA ALA D 39 -4.16 -16.07 -21.76
C ALA D 39 -4.09 -17.42 -21.13
N ILE D 40 -3.63 -18.44 -21.87
CA ILE D 40 -3.56 -19.80 -21.32
C ILE D 40 -2.32 -20.09 -20.45
N LEU D 41 -1.24 -19.33 -20.66
CA LEU D 41 -0.03 -19.52 -19.86
C LEU D 41 -0.20 -18.84 -18.54
N GLU D 42 -0.96 -17.73 -18.53
CA GLU D 42 -1.31 -16.99 -17.33
C GLU D 42 -2.25 -17.88 -16.51
N TYR D 43 -3.22 -18.55 -17.19
CA TYR D 43 -4.16 -19.45 -16.53
C TYR D 43 -3.45 -20.62 -15.83
N LEU D 44 -2.50 -21.31 -16.52
CA LEU D 44 -1.77 -22.43 -15.88
C LEU D 44 -0.84 -21.97 -14.77
N THR D 45 -0.15 -20.82 -14.95
CA THR D 45 0.70 -20.21 -13.94
C THR D 45 -0.11 -19.97 -12.68
N ALA D 46 -1.30 -19.34 -12.82
CA ALA D 46 -2.19 -19.04 -11.67
C ALA D 46 -2.65 -20.33 -10.97
N GLU D 47 -2.95 -21.37 -11.76
CA GLU D 47 -3.38 -22.67 -11.27
C GLU D 47 -2.28 -23.29 -10.44
N VAL D 48 -1.02 -23.25 -10.91
CA VAL D 48 0.12 -23.80 -10.19
C VAL D 48 0.42 -22.97 -8.91
N LEU D 49 0.45 -21.64 -9.04
CA LEU D 49 0.75 -20.75 -7.94
C LEU D 49 -0.31 -20.68 -6.86
N GLU D 50 -1.59 -20.92 -7.20
CA GLU D 50 -2.68 -20.93 -6.23
C GLU D 50 -2.52 -22.11 -5.25
N LEU D 51 -2.18 -23.28 -5.78
CA LEU D 51 -1.96 -24.49 -5.00
C LEU D 51 -0.66 -24.43 -4.22
N ALA D 52 0.42 -23.91 -4.85
CA ALA D 52 1.74 -23.76 -4.22
C ALA D 52 1.64 -22.83 -2.98
N GLY D 53 0.82 -21.78 -3.08
CA GLY D 53 0.54 -20.84 -2.00
C GLY D 53 -0.27 -21.44 -0.86
N ASN D 54 -1.08 -22.48 -1.12
CA ASN D 54 -1.89 -23.16 -0.11
C ASN D 54 -1.30 -24.53 0.21
N ALA D 55 -0.06 -24.82 -0.26
CA ALA D 55 0.63 -26.11 -0.06
C ALA D 55 1.18 -26.19 1.38
N SER D 56 0.24 -26.19 2.32
CA SER D 56 0.46 -26.15 3.77
C SER D 56 -0.78 -26.71 4.46
N LYS D 57 -0.62 -27.35 5.63
CA LYS D 57 -1.77 -27.87 6.39
C LYS D 57 -2.55 -26.71 7.04
N ASP D 58 -1.83 -25.58 7.20
CA ASP D 58 -2.27 -24.28 7.71
C ASP D 58 -2.80 -23.39 6.53
N LEU D 59 -2.49 -23.75 5.25
CA LEU D 59 -2.92 -23.05 4.01
C LEU D 59 -2.21 -21.68 3.77
N LYS D 60 -1.28 -21.34 4.67
CA LYS D 60 -0.48 -20.13 4.63
C LYS D 60 1.02 -20.49 4.44
N VAL D 61 1.52 -20.17 3.24
CA VAL D 61 2.91 -20.31 2.78
C VAL D 61 3.45 -18.86 2.64
N LYS D 62 4.48 -18.46 3.43
CA LYS D 62 5.02 -17.09 3.35
C LYS D 62 5.94 -16.88 2.15
N ARG D 63 6.55 -17.97 1.62
CA ARG D 63 7.44 -17.97 0.44
C ARG D 63 7.37 -19.31 -0.26
N ILE D 64 7.09 -19.29 -1.58
CA ILE D 64 7.01 -20.50 -2.39
C ILE D 64 8.40 -21.02 -2.76
N THR D 65 8.68 -22.26 -2.34
CA THR D 65 9.95 -22.92 -2.62
C THR D 65 9.69 -24.08 -3.63
N PRO D 66 10.72 -24.69 -4.26
CA PRO D 66 10.45 -25.85 -5.13
C PRO D 66 9.63 -27.00 -4.49
N ARG D 67 9.64 -27.12 -3.15
CA ARG D 67 8.87 -28.12 -2.41
C ARG D 67 7.38 -27.88 -2.66
N HIS D 68 6.94 -26.61 -2.55
CA HIS D 68 5.55 -26.20 -2.73
C HIS D 68 5.06 -26.44 -4.13
N LEU D 69 5.98 -26.30 -5.10
CA LEU D 69 5.70 -26.57 -6.51
C LEU D 69 5.50 -28.06 -6.77
N GLN D 70 6.28 -28.94 -6.07
CA GLN D 70 6.12 -30.40 -6.15
C GLN D 70 4.72 -30.76 -5.64
N LEU D 71 4.37 -30.31 -4.41
CA LEU D 71 3.05 -30.53 -3.81
C LEU D 71 1.92 -29.97 -4.71
N ALA D 72 2.08 -28.74 -5.23
CA ALA D 72 1.09 -28.11 -6.11
C ALA D 72 0.86 -28.95 -7.37
N ILE D 73 1.95 -29.32 -8.07
CA ILE D 73 1.83 -30.05 -9.32
C ILE D 73 1.52 -31.53 -9.07
N ARG D 74 2.29 -32.22 -8.21
CA ARG D 74 2.06 -33.63 -7.92
C ARG D 74 0.72 -33.82 -7.19
N GLY D 75 0.24 -32.75 -6.52
CA GLY D 75 -1.02 -32.67 -5.77
C GLY D 75 -2.26 -32.45 -6.61
N ASP D 76 -2.07 -32.34 -7.94
CA ASP D 76 -3.11 -32.14 -8.94
C ASP D 76 -2.93 -33.20 -10.02
N GLU D 77 -3.93 -34.10 -10.18
CA GLU D 77 -3.83 -35.13 -11.21
C GLU D 77 -3.74 -34.55 -12.60
N GLU D 78 -4.36 -33.38 -12.84
CA GLU D 78 -4.33 -32.73 -14.14
C GLU D 78 -2.95 -32.14 -14.49
N LEU D 79 -2.43 -31.24 -13.64
CA LEU D 79 -1.10 -30.65 -13.78
C LEU D 79 0.02 -31.71 -13.84
N ASP D 80 -0.07 -32.76 -12.98
CA ASP D 80 0.86 -33.89 -12.94
C ASP D 80 0.88 -34.63 -14.28
N SER D 81 -0.28 -34.88 -14.88
CA SER D 81 -0.33 -35.57 -16.17
C SER D 81 0.09 -34.64 -17.29
N LEU D 82 -0.11 -33.31 -17.10
CA LEU D 82 0.32 -32.33 -18.08
C LEU D 82 1.84 -32.23 -18.12
N ILE D 83 2.48 -32.01 -16.95
CA ILE D 83 3.95 -31.85 -16.82
C ILE D 83 4.72 -33.10 -17.29
N LYS D 84 4.22 -34.29 -16.93
CA LYS D 84 4.85 -35.56 -17.28
C LYS D 84 4.77 -35.89 -18.77
N ALA D 85 3.68 -35.44 -19.45
CA ALA D 85 3.50 -35.66 -20.88
C ALA D 85 4.41 -34.69 -21.65
N THR D 86 4.53 -33.40 -21.16
CA THR D 86 5.31 -32.33 -21.76
C THR D 86 6.81 -32.70 -21.90
N ILE D 87 7.40 -33.17 -20.77
CA ILE D 87 8.78 -33.63 -20.66
C ILE D 87 9.03 -34.82 -21.62
N ALA D 88 8.09 -35.79 -21.63
CA ALA D 88 8.11 -36.99 -22.49
C ALA D 88 8.15 -36.68 -24.01
N GLY D 89 7.60 -35.51 -24.40
CA GLY D 89 7.54 -35.07 -25.78
C GLY D 89 6.13 -35.08 -26.36
N ARG E 4 15.54 -22.30 -27.25
CA ARG E 4 15.83 -21.03 -26.58
C ARG E 4 14.66 -20.59 -25.70
N LYS E 5 14.89 -20.50 -24.38
CA LYS E 5 13.91 -20.13 -23.36
C LYS E 5 13.79 -18.62 -23.12
N GLU E 6 12.58 -18.06 -23.27
CA GLU E 6 12.33 -16.64 -23.01
C GLU E 6 12.15 -16.34 -21.51
N SER E 7 12.48 -15.09 -21.11
CA SER E 7 12.39 -14.60 -19.73
C SER E 7 10.94 -14.25 -19.42
N TYR E 8 10.27 -15.09 -18.63
CA TYR E 8 8.85 -14.92 -18.28
C TYR E 8 8.58 -14.68 -16.80
N SER E 9 9.64 -14.80 -15.97
CA SER E 9 9.66 -14.64 -14.52
C SER E 9 8.88 -13.44 -13.96
N ILE E 10 9.15 -12.23 -14.50
CA ILE E 10 8.52 -10.98 -14.08
C ILE E 10 6.99 -11.14 -14.05
N TYR E 11 6.46 -11.77 -15.10
CA TYR E 11 5.04 -12.02 -15.33
C TYR E 11 4.49 -13.08 -14.42
N VAL E 12 5.29 -14.13 -14.14
CA VAL E 12 4.95 -15.20 -13.19
C VAL E 12 4.76 -14.48 -11.81
N TYR E 13 5.74 -13.63 -11.42
CA TYR E 13 5.72 -12.83 -10.20
C TYR E 13 4.48 -11.90 -10.16
N LYS E 14 4.07 -11.35 -11.33
CA LYS E 14 2.87 -10.51 -11.43
C LYS E 14 1.63 -11.35 -11.08
N VAL E 15 1.52 -12.56 -11.68
CA VAL E 15 0.42 -13.54 -11.40
C VAL E 15 0.44 -14.03 -9.93
N LEU E 16 1.64 -14.22 -9.35
CA LEU E 16 1.81 -14.61 -7.95
C LEU E 16 1.20 -13.57 -7.03
N LYS E 17 1.45 -12.28 -7.33
CA LYS E 17 0.90 -11.20 -6.53
C LYS E 17 -0.63 -11.16 -6.60
N GLN E 18 -1.24 -11.51 -7.76
CA GLN E 18 -2.70 -11.52 -7.91
C GLN E 18 -3.31 -12.67 -7.11
N VAL E 19 -2.71 -13.89 -7.18
CA VAL E 19 -3.23 -15.05 -6.44
C VAL E 19 -2.95 -14.98 -4.93
N HIS E 20 -1.71 -14.62 -4.56
CA HIS E 20 -1.23 -14.55 -3.19
C HIS E 20 -0.35 -13.31 -2.99
N PRO E 21 -0.99 -12.15 -2.70
CA PRO E 21 -0.21 -10.89 -2.53
C PRO E 21 0.91 -10.92 -1.52
N ASP E 22 0.65 -11.52 -0.35
CA ASP E 22 1.58 -11.55 0.78
C ASP E 22 2.52 -12.79 0.82
N THR E 23 2.58 -13.51 -0.32
CA THR E 23 3.37 -14.71 -0.54
C THR E 23 4.51 -14.44 -1.52
N GLY E 24 5.72 -14.85 -1.14
CA GLY E 24 6.90 -14.69 -1.97
C GLY E 24 7.26 -15.93 -2.75
N ILE E 25 8.40 -15.89 -3.45
CA ILE E 25 8.89 -17.04 -4.22
C ILE E 25 10.44 -17.07 -4.18
N SER E 26 11.03 -18.27 -4.09
CA SER E 26 12.49 -18.42 -4.11
C SER E 26 12.98 -18.44 -5.55
N SER E 27 14.24 -18.05 -5.76
CA SER E 27 14.84 -17.97 -7.09
C SER E 27 14.89 -19.29 -7.84
N LYS E 28 15.11 -20.43 -7.13
CA LYS E 28 15.10 -21.77 -7.72
C LYS E 28 13.65 -22.14 -8.10
N ALA E 29 12.67 -21.80 -7.23
CA ALA E 29 11.25 -22.02 -7.48
C ALA E 29 10.80 -21.27 -8.74
N MET E 30 11.15 -19.95 -8.87
CA MET E 30 10.82 -19.09 -10.02
C MET E 30 11.46 -19.62 -11.30
N GLY E 31 12.66 -20.17 -11.18
CA GLY E 31 13.37 -20.80 -12.26
C GLY E 31 12.49 -21.89 -12.84
N ILE E 32 12.05 -22.85 -11.96
CA ILE E 32 11.19 -23.99 -12.29
C ILE E 32 9.91 -23.49 -12.97
N MET E 33 9.30 -22.42 -12.43
CA MET E 33 8.08 -21.82 -12.98
C MET E 33 8.29 -21.34 -14.42
N ASN E 34 9.41 -20.66 -14.67
CA ASN E 34 9.80 -20.14 -15.99
C ASN E 34 10.13 -21.26 -16.96
N SER E 35 10.72 -22.36 -16.42
CA SER E 35 11.08 -23.53 -17.19
C SER E 35 9.82 -24.23 -17.62
N PHE E 36 8.81 -24.25 -16.75
CA PHE E 36 7.49 -24.84 -16.97
C PHE E 36 6.68 -24.06 -18.00
N VAL E 37 6.59 -22.71 -17.88
CA VAL E 37 5.86 -21.87 -18.84
C VAL E 37 6.39 -22.11 -20.27
N ASN E 38 7.72 -22.03 -20.47
CA ASN E 38 8.39 -22.22 -21.75
C ASN E 38 8.12 -23.56 -22.38
N ASP E 39 8.22 -24.65 -21.60
CA ASP E 39 8.01 -26.02 -22.06
C ASP E 39 6.55 -26.28 -22.51
N ILE E 40 5.56 -25.68 -21.79
CA ILE E 40 4.13 -25.76 -22.15
C ILE E 40 3.93 -24.96 -23.47
N PHE E 41 4.46 -23.73 -23.54
CA PHE E 41 4.37 -22.87 -24.69
C PHE E 41 4.94 -23.53 -25.97
N GLU E 42 6.11 -24.21 -25.87
CA GLU E 42 6.76 -24.93 -26.98
C GLU E 42 5.86 -26.02 -27.49
N ARG E 43 5.15 -26.70 -26.61
CA ARG E 43 4.24 -27.79 -26.95
C ARG E 43 3.05 -27.25 -27.70
N ILE E 44 2.44 -26.17 -27.18
CA ILE E 44 1.28 -25.48 -27.75
C ILE E 44 1.65 -24.93 -29.11
N ALA E 45 2.80 -24.29 -29.21
CA ALA E 45 3.26 -23.68 -30.46
C ALA E 45 3.57 -24.75 -31.49
N GLY E 46 4.25 -25.82 -31.07
CA GLY E 46 4.59 -26.95 -31.92
C GLY E 46 3.36 -27.58 -32.53
N GLU E 47 2.29 -27.77 -31.70
CA GLU E 47 1.01 -28.35 -32.12
C GLU E 47 0.22 -27.45 -33.05
N ALA E 48 0.12 -26.16 -32.73
CA ALA E 48 -0.57 -25.16 -33.54
C ALA E 48 0.13 -25.06 -34.91
N SER E 49 1.47 -25.16 -34.90
CA SER E 49 2.33 -25.15 -36.07
C SER E 49 1.98 -26.35 -36.97
N ARG E 50 1.75 -27.54 -36.37
CA ARG E 50 1.34 -28.76 -37.08
C ARG E 50 -0.10 -28.62 -37.61
N LEU E 51 -1.00 -27.98 -36.85
CA LEU E 51 -2.38 -27.74 -37.26
C LEU E 51 -2.43 -26.80 -38.45
N ALA E 52 -1.60 -25.74 -38.44
CA ALA E 52 -1.47 -24.78 -39.55
C ALA E 52 -0.96 -25.49 -40.80
N HIS E 53 0.01 -26.41 -40.61
CA HIS E 53 0.62 -27.24 -41.65
C HIS E 53 -0.40 -28.15 -42.31
N TYR E 54 -1.29 -28.76 -41.52
CA TYR E 54 -2.32 -29.66 -42.01
C TYR E 54 -3.41 -28.95 -42.82
N ASN E 55 -3.84 -27.76 -42.36
CA ASN E 55 -4.88 -26.98 -43.02
C ASN E 55 -4.37 -25.95 -44.00
N LYS E 56 -3.04 -25.94 -44.23
CA LYS E 56 -2.33 -25.02 -45.14
C LYS E 56 -2.75 -23.57 -44.91
N ARG E 57 -2.99 -23.24 -43.61
CA ARG E 57 -3.41 -21.94 -43.09
C ARG E 57 -2.15 -21.12 -42.83
N SER E 58 -1.93 -20.05 -43.64
CA SER E 58 -0.75 -19.17 -43.59
C SER E 58 -0.54 -18.43 -42.27
N THR E 59 -1.64 -17.92 -41.68
CA THR E 59 -1.65 -17.15 -40.43
C THR E 59 -2.08 -18.02 -39.25
N ILE E 60 -1.23 -18.13 -38.21
CA ILE E 60 -1.60 -18.85 -36.98
C ILE E 60 -2.55 -17.91 -36.19
N THR E 61 -3.78 -18.39 -35.92
CA THR E 61 -4.84 -17.65 -35.21
C THR E 61 -5.20 -18.34 -33.89
N SER E 62 -6.19 -17.82 -33.15
CA SER E 62 -6.64 -18.43 -31.90
C SER E 62 -7.37 -19.77 -32.13
N ARG E 63 -7.75 -20.07 -33.40
CA ARG E 63 -8.39 -21.32 -33.79
C ARG E 63 -7.44 -22.51 -33.51
N GLU E 64 -6.16 -22.37 -33.98
CA GLU E 64 -5.06 -23.34 -33.84
C GLU E 64 -4.71 -23.52 -32.36
N ILE E 65 -4.56 -22.37 -31.64
CA ILE E 65 -4.27 -22.35 -30.20
C ILE E 65 -5.39 -23.08 -29.42
N GLN E 66 -6.66 -22.75 -29.68
CA GLN E 66 -7.76 -23.43 -29.02
C GLN E 66 -7.72 -24.93 -29.25
N THR E 67 -7.48 -25.38 -30.51
CA THR E 67 -7.41 -26.81 -30.87
C THR E 67 -6.29 -27.54 -30.13
N ALA E 68 -5.11 -26.88 -30.03
CA ALA E 68 -3.89 -27.35 -29.37
C ALA E 68 -4.11 -27.50 -27.85
N VAL E 69 -4.75 -26.51 -27.21
CA VAL E 69 -5.13 -26.52 -25.79
C VAL E 69 -6.03 -27.74 -25.52
N ARG E 70 -7.06 -27.95 -26.38
CA ARG E 70 -8.03 -29.05 -26.33
C ARG E 70 -7.40 -30.43 -26.34
N LEU E 71 -6.35 -30.60 -27.18
CA LEU E 71 -5.57 -31.81 -27.38
C LEU E 71 -4.56 -32.03 -26.25
N LEU E 72 -3.72 -31.02 -25.95
CA LEU E 72 -2.66 -31.10 -24.94
C LEU E 72 -3.06 -31.03 -23.44
N LEU E 73 -4.13 -30.29 -23.10
CA LEU E 73 -4.54 -30.12 -21.69
C LEU E 73 -5.58 -31.15 -21.22
N PRO E 74 -5.41 -31.75 -20.01
CA PRO E 74 -6.36 -32.78 -19.56
C PRO E 74 -7.53 -32.23 -18.77
N GLY E 75 -8.67 -32.86 -18.98
CA GLY E 75 -9.95 -32.58 -18.34
C GLY E 75 -10.37 -31.12 -18.20
N GLU E 76 -10.55 -30.73 -16.92
CA GLU E 76 -11.00 -29.40 -16.48
C GLU E 76 -10.05 -28.26 -16.86
N LEU E 77 -8.72 -28.51 -16.88
CA LEU E 77 -7.69 -27.53 -17.26
C LEU E 77 -7.93 -27.05 -18.68
N ALA E 78 -8.38 -27.97 -19.56
CA ALA E 78 -8.67 -27.68 -20.97
C ALA E 78 -9.96 -26.86 -21.11
N LYS E 79 -10.97 -27.12 -20.24
CA LYS E 79 -12.27 -26.45 -20.25
C LYS E 79 -12.11 -24.99 -19.88
N HIS E 80 -11.38 -24.73 -18.79
CA HIS E 80 -11.12 -23.38 -18.27
C HIS E 80 -10.14 -22.57 -19.08
N ALA E 81 -9.17 -23.23 -19.73
CA ALA E 81 -8.18 -22.56 -20.56
C ALA E 81 -8.83 -22.08 -21.85
N VAL E 82 -9.77 -22.87 -22.41
CA VAL E 82 -10.55 -22.49 -23.60
C VAL E 82 -11.39 -21.24 -23.21
N SER E 83 -12.04 -21.24 -22.01
CA SER E 83 -12.81 -20.11 -21.51
C SER E 83 -11.92 -18.87 -21.34
N GLU E 84 -10.77 -19.00 -20.65
CA GLU E 84 -9.79 -17.93 -20.42
C GLU E 84 -9.21 -17.35 -21.72
N GLY E 85 -8.93 -18.22 -22.69
CA GLY E 85 -8.42 -17.82 -24.00
C GLY E 85 -9.46 -17.07 -24.80
N THR E 86 -10.70 -17.58 -24.77
CA THR E 86 -11.81 -16.96 -25.49
C THR E 86 -12.09 -15.58 -24.94
N LYS E 87 -12.28 -15.47 -23.61
CA LYS E 87 -12.55 -14.24 -22.86
C LYS E 87 -11.51 -13.13 -23.20
N ALA E 88 -10.20 -13.49 -23.20
CA ALA E 88 -9.08 -12.61 -23.46
C ALA E 88 -9.04 -12.09 -24.87
N VAL E 89 -9.35 -12.96 -25.86
CA VAL E 89 -9.36 -12.61 -27.30
C VAL E 89 -10.57 -11.71 -27.53
N THR E 90 -11.69 -12.03 -26.88
CA THR E 90 -12.94 -11.29 -26.92
C THR E 90 -12.77 -9.88 -26.34
N LYS E 91 -12.08 -9.73 -25.21
CA LYS E 91 -11.88 -8.37 -24.72
C LYS E 91 -10.86 -7.60 -25.52
N TYR E 92 -9.95 -8.34 -26.18
CA TYR E 92 -8.97 -7.73 -27.07
C TYR E 92 -9.63 -7.21 -28.37
N THR E 93 -10.39 -8.11 -29.07
CA THR E 93 -11.09 -7.84 -30.33
C THR E 93 -12.19 -6.80 -30.21
N SER E 94 -12.77 -6.63 -29.01
CA SER E 94 -13.82 -5.63 -28.72
C SER E 94 -13.47 -4.77 -27.50
N PRO F 8 -23.37 -41.26 1.26
CA PRO F 8 -22.60 -40.48 0.28
C PRO F 8 -22.06 -39.21 0.94
N ARG F 9 -20.90 -39.33 1.59
CA ARG F 9 -20.29 -38.27 2.40
C ARG F 9 -19.37 -37.29 1.66
N LYS F 10 -19.75 -36.00 1.68
CA LYS F 10 -19.08 -34.85 1.02
C LYS F 10 -17.57 -34.75 1.23
N THR F 11 -17.05 -35.32 2.31
CA THR F 11 -15.64 -35.28 2.70
C THR F 11 -15.01 -36.70 2.78
N ALA F 12 -15.76 -37.74 2.38
CA ALA F 12 -15.27 -39.10 2.44
C ALA F 12 -14.03 -39.23 1.55
N GLY F 13 -12.98 -39.82 2.11
CA GLY F 13 -11.73 -40.09 1.42
C GLY F 13 -10.95 -38.93 0.89
N ASN F 14 -11.09 -37.76 1.54
CA ASN F 14 -10.44 -36.51 1.15
C ASN F 14 -8.92 -36.54 1.01
N ARG F 15 -8.20 -37.44 1.73
CA ARG F 15 -6.72 -37.53 1.63
C ARG F 15 -6.24 -38.80 0.91
N LEU F 16 -7.17 -39.67 0.45
CA LEU F 16 -6.80 -40.95 -0.15
C LEU F 16 -6.08 -40.87 -1.47
N SER F 17 -6.53 -40.00 -2.39
CA SER F 17 -5.85 -39.86 -3.69
C SER F 17 -4.37 -39.48 -3.49
N GLY F 18 -4.11 -38.55 -2.56
CA GLY F 18 -2.78 -38.10 -2.21
C GLY F 18 -1.91 -39.13 -1.55
N LEU F 19 -2.49 -39.93 -0.64
CA LEU F 19 -1.80 -41.00 0.09
C LEU F 19 -1.38 -42.08 -0.87
N LEU F 20 -2.27 -42.42 -1.83
CA LEU F 20 -1.96 -43.38 -2.89
C LEU F 20 -0.79 -42.86 -3.73
N GLU F 21 -0.73 -41.53 -3.97
CA GLU F 21 0.36 -40.87 -4.74
C GLU F 21 1.68 -40.82 -3.99
N ALA F 22 1.64 -40.48 -2.71
CA ALA F 22 2.78 -40.41 -1.80
C ALA F 22 3.48 -41.76 -1.62
N GLU F 23 2.70 -42.85 -1.74
CA GLU F 23 3.15 -44.23 -1.61
C GLU F 23 4.15 -44.68 -2.70
N GLU F 24 4.13 -44.01 -3.86
CA GLU F 24 5.02 -44.27 -5.00
C GLU F 24 6.33 -43.47 -4.94
N GLU F 25 7.39 -44.03 -5.53
CA GLU F 25 8.71 -43.37 -5.64
C GLU F 25 8.66 -42.45 -6.88
N ASP F 26 8.47 -41.13 -6.66
CA ASP F 26 8.40 -40.21 -7.80
C ASP F 26 9.68 -39.56 -8.22
N GLU F 27 10.48 -40.35 -8.98
CA GLU F 27 11.77 -40.02 -9.59
C GLU F 27 11.68 -38.77 -10.46
N PHE F 28 10.48 -38.48 -11.02
CA PHE F 28 10.21 -37.34 -11.90
C PHE F 28 10.57 -35.96 -11.31
N TYR F 29 9.94 -35.59 -10.18
CA TYR F 29 10.14 -34.28 -9.52
C TYR F 29 11.52 -34.13 -8.89
N GLN F 30 12.25 -35.26 -8.73
CA GLN F 30 13.60 -35.39 -8.20
C GLN F 30 14.62 -34.91 -9.26
N THR F 31 14.33 -35.25 -10.54
CA THR F 31 15.17 -34.97 -11.72
C THR F 31 14.36 -34.36 -12.89
N THR F 32 13.84 -33.13 -12.71
CA THR F 32 13.09 -32.34 -13.71
C THR F 32 13.31 -30.90 -13.32
N TYR F 33 13.71 -30.07 -14.31
CA TYR F 33 14.03 -28.66 -14.15
C TYR F 33 15.07 -28.45 -12.98
N GLY F 34 15.88 -29.48 -12.70
CA GLY F 34 16.90 -29.53 -11.66
C GLY F 34 16.45 -30.02 -10.29
N GLY F 35 15.24 -30.54 -10.24
CA GLY F 35 14.67 -31.06 -9.00
C GLY F 35 13.80 -30.06 -8.28
N PHE F 36 12.66 -30.53 -7.79
CA PHE F 36 11.66 -29.79 -7.04
C PHE F 36 12.02 -29.97 -5.56
N THR F 37 13.30 -29.67 -5.26
CA THR F 37 13.88 -29.84 -3.93
C THR F 37 14.30 -28.51 -3.33
N GLU F 38 14.30 -28.42 -1.99
CA GLU F 38 14.76 -27.21 -1.32
C GLU F 38 16.27 -27.26 -1.29
N GLU F 39 16.92 -26.23 -1.87
CA GLU F 39 18.38 -26.18 -1.91
C GLU F 39 18.98 -25.38 -0.77
N SER F 40 20.07 -25.91 -0.20
CA SER F 40 20.84 -25.37 0.92
C SER F 40 20.89 -23.84 1.04
N GLY F 41 21.30 -23.13 -0.03
CA GLY F 41 21.44 -21.68 -0.03
C GLY F 41 20.61 -20.90 -1.04
N ASP F 42 19.36 -21.35 -1.29
CA ASP F 42 18.44 -20.72 -2.23
C ASP F 42 17.60 -19.61 -1.60
N ASP F 43 17.82 -18.36 -2.08
CA ASP F 43 17.15 -17.14 -1.61
C ASP F 43 15.94 -16.69 -2.47
N GLU F 44 15.23 -15.66 -1.98
CA GLU F 44 14.07 -15.00 -2.58
C GLU F 44 14.37 -14.56 -4.04
N TYR F 45 13.32 -14.53 -4.89
CA TYR F 45 13.43 -14.11 -6.28
C TYR F 45 13.53 -12.58 -6.32
N GLN F 46 14.63 -12.04 -6.89
CA GLN F 46 14.79 -10.58 -7.00
C GLN F 46 14.06 -9.99 -8.22
N GLY F 47 14.53 -10.34 -9.42
CA GLY F 47 13.94 -9.86 -10.67
C GLY F 47 14.66 -8.72 -11.34
N ASP F 48 14.83 -8.85 -12.67
CA ASP F 48 15.44 -7.92 -13.62
C ASP F 48 14.34 -6.94 -14.07
N GLN F 49 14.53 -5.65 -13.76
CA GLN F 49 13.57 -4.59 -14.09
C GLN F 49 13.95 -3.82 -15.37
N SER F 50 14.98 -4.30 -16.11
CA SER F 50 15.51 -3.69 -17.32
C SER F 50 14.74 -3.96 -18.63
N ASP F 51 13.98 -5.08 -18.72
CA ASP F 51 13.21 -5.39 -19.92
C ASP F 51 11.73 -5.71 -19.65
N THR F 52 11.16 -5.04 -18.62
CA THR F 52 9.76 -5.20 -18.20
C THR F 52 8.76 -4.70 -19.26
N GLU F 53 9.00 -3.50 -19.84
CA GLU F 53 8.16 -2.89 -20.87
C GLU F 53 8.03 -3.84 -22.06
N ASP F 54 6.77 -4.09 -22.45
CA ASP F 54 6.49 -4.94 -23.60
C ASP F 54 6.77 -4.18 -24.92
N GLU F 55 7.15 -4.93 -25.93
CA GLU F 55 7.44 -4.46 -27.28
C GLU F 55 6.73 -5.40 -28.19
N VAL F 56 6.02 -4.83 -29.13
CA VAL F 56 5.16 -5.53 -30.07
C VAL F 56 5.77 -5.29 -31.45
N ASP F 57 5.81 -6.34 -32.28
CA ASP F 57 6.34 -6.26 -33.62
C ASP F 57 5.35 -5.58 -34.56
N SER F 58 5.84 -5.04 -35.68
CA SER F 58 5.02 -4.34 -36.67
C SER F 58 3.82 -5.18 -37.17
N ASP F 59 4.02 -6.50 -37.36
CA ASP F 59 3.05 -7.48 -37.87
C ASP F 59 2.09 -8.12 -36.83
N PHE F 60 1.90 -7.46 -35.67
CA PHE F 60 1.00 -7.99 -34.64
C PHE F 60 -0.47 -7.86 -35.05
N ASP F 61 -0.95 -6.60 -35.28
CA ASP F 61 -2.35 -6.33 -35.65
C ASP F 61 -2.66 -6.37 -37.15
N ILE F 62 -2.28 -7.47 -37.80
CA ILE F 62 -2.50 -7.76 -39.22
C ILE F 62 -3.96 -8.23 -39.56
N ASP F 63 -4.30 -8.24 -40.87
CA ASP F 63 -5.61 -8.59 -41.46
C ASP F 63 -6.16 -10.02 -41.20
N GLU F 64 -5.40 -10.87 -40.45
CA GLU F 64 -5.72 -12.25 -40.05
C GLU F 64 -6.43 -13.19 -41.07
N GLY F 65 -7.66 -13.61 -40.76
CA GLY F 65 -8.48 -14.51 -41.57
C GLY F 65 -9.33 -13.84 -42.64
N ASP F 66 -10.22 -14.59 -43.34
CA ASP F 66 -10.55 -16.02 -43.18
C ASP F 66 -9.51 -16.95 -43.78
N SER G 1 -0.72 1.12 21.66
CA SER G 1 -0.94 1.69 20.32
C SER G 1 0.35 2.23 19.71
N ARG G 2 0.34 2.58 18.39
CA ARG G 2 1.47 3.20 17.67
C ARG G 2 1.74 4.62 18.19
N SER G 3 0.71 5.29 18.71
CA SER G 3 0.81 6.63 19.29
C SER G 3 1.55 6.59 20.64
N GLN G 4 1.42 5.47 21.35
CA GLN G 4 2.05 5.24 22.64
C GLN G 4 3.52 5.00 22.43
N ARG G 5 3.87 4.26 21.34
CA ARG G 5 5.25 3.96 20.95
C ARG G 5 6.03 5.28 20.80
N ALA G 6 5.37 6.29 20.21
CA ALA G 6 5.90 7.63 20.02
C ALA G 6 5.74 8.52 21.25
N GLY G 7 5.04 8.00 22.27
CA GLY G 7 4.76 8.68 23.54
C GLY G 7 3.85 9.87 23.41
N LEU G 8 2.75 9.73 22.65
CA LEU G 8 1.80 10.78 22.32
C LEU G 8 0.35 10.38 22.55
N GLN G 9 -0.53 11.40 22.67
CA GLN G 9 -1.99 11.26 22.81
C GLN G 9 -2.64 11.37 21.42
N PHE G 10 -1.99 12.10 20.50
CA PHE G 10 -2.51 12.35 19.16
C PHE G 10 -2.50 11.13 18.25
N PRO G 11 -3.54 10.96 17.39
CA PRO G 11 -3.63 9.75 16.56
C PRO G 11 -2.68 9.75 15.37
N VAL G 12 -1.60 8.97 15.45
CA VAL G 12 -0.60 8.93 14.38
C VAL G 12 -1.11 8.40 13.02
N GLY G 13 -1.87 7.31 13.04
CA GLY G 13 -2.45 6.66 11.87
C GLY G 13 -3.51 7.51 11.20
N ARG G 14 -4.29 8.26 12.01
CA ARG G 14 -5.35 9.17 11.55
C ARG G 14 -4.70 10.38 10.89
N ILE G 15 -3.63 10.89 11.53
CA ILE G 15 -2.83 12.00 11.03
C ILE G 15 -2.14 11.57 9.71
N HIS G 16 -1.72 10.28 9.62
CA HIS G 16 -1.14 9.70 8.40
C HIS G 16 -2.16 9.67 7.26
N ARG G 17 -3.42 9.33 7.59
CA ARG G 17 -4.52 9.30 6.63
C ARG G 17 -4.87 10.72 6.17
N HIS G 18 -4.91 11.69 7.10
CA HIS G 18 -5.17 13.11 6.81
C HIS G 18 -4.09 13.69 5.87
N LEU G 19 -2.78 13.34 6.10
CA LEU G 19 -1.62 13.78 5.30
C LEU G 19 -1.68 13.24 3.88
N LYS G 20 -2.10 11.96 3.74
CA LYS G 20 -2.25 11.28 2.46
C LYS G 20 -3.39 11.92 1.65
N SER G 21 -4.52 12.29 2.32
CA SER G 21 -5.68 12.95 1.70
C SER G 21 -5.39 14.39 1.21
N ARG G 22 -4.27 15.00 1.66
CA ARG G 22 -3.83 16.35 1.29
C ARG G 22 -2.86 16.34 0.10
N GLY G 27 2.08 9.19 -4.82
CA GLY G 27 2.85 9.75 -3.71
C GLY G 27 2.65 9.05 -2.38
N ARG G 28 3.75 8.89 -1.57
CA ARG G 28 3.73 8.22 -0.26
C ARG G 28 3.97 9.18 0.93
N VAL G 29 3.40 8.82 2.08
CA VAL G 29 3.55 9.54 3.34
C VAL G 29 4.08 8.48 4.33
N GLY G 30 5.29 8.69 4.87
CA GLY G 30 5.90 7.76 5.82
C GLY G 30 5.50 7.99 7.26
N ALA G 31 5.55 6.91 8.09
CA ALA G 31 5.28 6.89 9.55
C ALA G 31 5.92 8.07 10.31
N THR G 32 7.20 8.45 10.00
CA THR G 32 7.95 9.56 10.61
C THR G 32 7.25 10.85 10.41
N ALA G 33 6.78 11.14 9.18
CA ALA G 33 6.01 12.37 8.87
C ALA G 33 4.72 12.45 9.75
N ALA G 34 3.97 11.29 9.90
CA ALA G 34 2.76 11.17 10.72
C ALA G 34 3.05 11.33 12.25
N VAL G 35 4.17 10.72 12.71
CA VAL G 35 4.63 10.78 14.10
C VAL G 35 5.11 12.22 14.44
N TYR G 36 5.92 12.82 13.55
CA TYR G 36 6.42 14.16 13.79
C TYR G 36 5.26 15.16 13.81
N SER G 37 4.25 14.95 12.93
CA SER G 37 3.08 15.81 12.77
C SER G 37 2.18 15.79 13.98
N ALA G 38 1.88 14.58 14.52
CA ALA G 38 1.05 14.35 15.71
C ALA G 38 1.68 15.02 16.91
N ALA G 39 3.03 14.88 17.04
CA ALA G 39 3.86 15.43 18.11
C ALA G 39 3.84 16.94 18.14
N ILE G 40 3.95 17.61 16.98
CA ILE G 40 3.94 19.06 16.94
C ILE G 40 2.54 19.64 17.24
N LEU G 41 1.51 18.95 16.72
CA LEU G 41 0.12 19.35 16.92
C LEU G 41 -0.25 19.19 18.38
N GLU G 42 0.23 18.07 18.99
CA GLU G 42 0.02 17.79 20.41
C GLU G 42 0.74 18.85 21.21
N TYR G 43 1.95 19.26 20.77
CA TYR G 43 2.74 20.27 21.46
C TYR G 43 1.96 21.58 21.59
N LEU G 44 1.44 22.10 20.47
CA LEU G 44 0.70 23.36 20.36
C LEU G 44 -0.61 23.33 21.15
N THR G 45 -1.33 22.19 21.13
CA THR G 45 -2.58 21.98 21.88
C THR G 45 -2.25 22.08 23.36
N ALA G 46 -1.16 21.44 23.80
CA ALA G 46 -0.72 21.47 25.20
C ALA G 46 -0.28 22.89 25.64
N GLU G 47 0.32 23.67 24.73
CA GLU G 47 0.77 25.04 25.02
C GLU G 47 -0.40 25.96 25.17
N VAL G 48 -1.43 25.78 24.30
CA VAL G 48 -2.66 26.57 24.33
C VAL G 48 -3.46 26.21 25.58
N LEU G 49 -3.58 24.90 25.87
CA LEU G 49 -4.34 24.40 27.01
C LEU G 49 -3.75 24.70 28.38
N GLU G 50 -2.44 24.53 28.51
CA GLU G 50 -1.69 24.85 29.72
C GLU G 50 -2.07 26.28 30.17
N LEU G 51 -1.90 27.27 29.29
CA LEU G 51 -2.20 28.69 29.53
C LEU G 51 -3.67 28.95 29.87
N ALA G 52 -4.61 28.45 29.06
CA ALA G 52 -6.05 28.64 29.29
C ALA G 52 -6.55 28.12 30.65
N GLY G 53 -5.97 27.01 31.15
CA GLY G 53 -6.32 26.43 32.43
C GLY G 53 -5.75 27.23 33.60
N ASN G 54 -4.84 28.15 33.25
CA ASN G 54 -4.14 29.05 34.14
C ASN G 54 -4.52 30.51 33.82
N ALA G 55 -5.56 30.73 33.01
CA ALA G 55 -5.99 32.09 32.64
C ALA G 55 -6.88 32.71 33.74
N SER G 56 -6.33 32.82 34.96
CA SER G 56 -7.05 33.38 36.10
C SER G 56 -6.10 34.11 37.06
N LYS G 57 -6.66 34.99 37.90
CA LYS G 57 -5.82 35.65 38.89
C LYS G 57 -5.48 34.68 40.03
N ASP G 58 -6.44 33.79 40.40
CA ASP G 58 -6.22 32.68 41.33
C ASP G 58 -5.48 31.49 40.60
N LEU G 59 -5.40 31.53 39.23
CA LEU G 59 -4.79 30.56 38.27
C LEU G 59 -5.61 29.24 38.10
N LYS G 60 -6.71 29.13 38.88
CA LYS G 60 -7.60 27.96 38.93
C LYS G 60 -8.88 28.21 38.10
N VAL G 61 -8.91 27.68 36.85
CA VAL G 61 -10.10 27.75 36.00
C VAL G 61 -10.82 26.40 36.08
N LYS G 62 -12.11 26.38 36.49
CA LYS G 62 -12.87 25.13 36.64
C LYS G 62 -13.21 24.53 35.27
N ARG G 63 -13.63 25.38 34.30
CA ARG G 63 -13.96 24.97 32.93
C ARG G 63 -13.43 25.97 31.89
N ILE G 64 -12.62 25.48 30.90
CA ILE G 64 -12.07 26.29 29.82
C ILE G 64 -13.18 26.66 28.80
N THR G 65 -13.42 27.98 28.64
CA THR G 65 -14.39 28.61 27.74
C THR G 65 -13.61 29.39 26.65
N PRO G 66 -14.27 29.88 25.57
CA PRO G 66 -13.53 30.69 24.57
C PRO G 66 -12.83 31.96 25.09
N ARG G 67 -13.19 32.48 26.30
CA ARG G 67 -12.50 33.67 26.86
C ARG G 67 -11.08 33.29 27.29
N HIS G 68 -10.93 32.08 27.86
CA HIS G 68 -9.67 31.52 28.33
C HIS G 68 -8.75 31.25 27.16
N LEU G 69 -9.30 30.70 26.07
CA LEU G 69 -8.55 30.43 24.84
C LEU G 69 -8.04 31.72 24.23
N GLN G 70 -8.86 32.80 24.23
CA GLN G 70 -8.46 34.12 23.75
C GLN G 70 -7.37 34.72 24.67
N LEU G 71 -7.46 34.49 26.01
CA LEU G 71 -6.49 34.94 27.00
C LEU G 71 -5.20 34.16 26.82
N ALA G 72 -5.31 32.84 26.47
CA ALA G 72 -4.16 31.97 26.25
C ALA G 72 -3.39 32.36 24.98
N ILE G 73 -4.08 32.44 23.84
CA ILE G 73 -3.49 32.76 22.56
C ILE G 73 -3.06 34.23 22.47
N ARG G 74 -3.99 35.16 22.71
CA ARG G 74 -3.65 36.60 22.68
C ARG G 74 -2.64 36.97 23.77
N GLY G 75 -2.62 36.20 24.87
CA GLY G 75 -1.73 36.41 26.00
C GLY G 75 -0.33 35.91 25.76
N ASP G 76 -0.06 35.44 24.54
CA ASP G 76 1.22 34.87 24.13
C ASP G 76 1.59 35.39 22.78
N GLU G 77 2.66 36.19 22.72
CA GLU G 77 3.26 36.85 21.55
C GLU G 77 3.41 35.90 20.34
N GLU G 78 3.93 34.67 20.58
CA GLU G 78 4.19 33.61 19.61
C GLU G 78 2.95 32.86 19.15
N LEU G 79 2.00 32.49 20.06
CA LEU G 79 0.74 31.85 19.64
C LEU G 79 -0.09 32.88 18.84
N ASP G 80 -0.24 34.12 19.36
CA ASP G 80 -0.92 35.23 18.71
C ASP G 80 -0.40 35.41 17.25
N SER G 81 0.93 35.48 17.08
CA SER G 81 1.56 35.64 15.76
C SER G 81 1.39 34.43 14.89
N LEU G 82 1.41 33.20 15.49
CA LEU G 82 1.21 31.94 14.76
C LEU G 82 -0.21 31.92 14.18
N ILE G 83 -1.23 32.06 15.06
CA ILE G 83 -2.65 32.07 14.66
C ILE G 83 -2.92 33.14 13.59
N LYS G 84 -2.27 34.32 13.71
CA LYS G 84 -2.46 35.44 12.79
C LYS G 84 -1.84 35.28 11.40
N ALA G 85 -0.74 34.54 11.30
CA ALA G 85 -0.09 34.24 10.03
C ALA G 85 -0.96 33.25 9.26
N THR G 86 -1.67 32.34 10.01
CA THR G 86 -2.56 31.25 9.54
C THR G 86 -3.90 31.80 9.03
N GLU H 6 -11.61 17.28 9.53
CA GLU H 6 -11.39 16.10 10.39
C GLU H 6 -11.56 16.44 11.85
N SER H 7 -11.87 15.44 12.69
CA SER H 7 -12.11 15.67 14.14
C SER H 7 -10.97 15.19 15.01
N TYR H 8 -10.48 16.11 15.85
CA TYR H 8 -9.39 15.85 16.78
C TYR H 8 -9.80 16.18 18.20
N SER H 9 -11.07 16.60 18.40
CA SER H 9 -11.65 16.96 19.69
C SER H 9 -11.34 15.95 20.79
N ILE H 10 -11.44 14.64 20.52
CA ILE H 10 -11.15 13.64 21.54
C ILE H 10 -9.68 13.59 22.01
N TYR H 11 -8.74 13.89 21.13
CA TYR H 11 -7.31 13.92 21.42
C TYR H 11 -6.89 15.22 22.10
N VAL H 12 -7.66 16.29 21.83
CA VAL H 12 -7.51 17.58 22.48
C VAL H 12 -7.91 17.35 23.93
N TYR H 13 -8.95 16.51 24.16
CA TYR H 13 -9.43 16.18 25.50
C TYR H 13 -8.42 15.38 26.30
N LYS H 14 -7.79 14.36 25.68
CA LYS H 14 -6.72 13.55 26.29
C LYS H 14 -5.54 14.45 26.77
N VAL H 15 -5.15 15.45 25.95
CA VAL H 15 -4.11 16.44 26.27
C VAL H 15 -4.63 17.32 27.45
N LEU H 16 -5.89 17.80 27.37
CA LEU H 16 -6.46 18.63 28.44
C LEU H 16 -6.38 17.94 29.79
N LYS H 17 -6.71 16.63 29.85
CA LYS H 17 -6.66 15.80 31.06
C LYS H 17 -5.23 15.53 31.54
N GLN H 18 -4.23 15.66 30.65
CA GLN H 18 -2.81 15.47 30.93
C GLN H 18 -2.28 16.75 31.56
N VAL H 19 -2.58 17.95 30.96
CA VAL H 19 -2.14 19.28 31.44
C VAL H 19 -2.89 19.75 32.69
N HIS H 20 -4.23 19.67 32.65
CA HIS H 20 -5.10 20.13 33.71
C HIS H 20 -6.11 19.03 33.98
N PRO H 21 -5.71 18.05 34.82
CA PRO H 21 -6.63 16.94 35.14
C PRO H 21 -8.02 17.35 35.67
N ASP H 22 -8.08 18.39 36.52
CA ASP H 22 -9.32 18.82 37.15
C ASP H 22 -10.05 19.97 36.41
N THR H 23 -9.64 20.25 35.15
CA THR H 23 -10.24 21.32 34.35
C THR H 23 -11.05 20.76 33.19
N GLY H 24 -12.26 21.29 33.06
CA GLY H 24 -13.18 20.96 31.97
C GLY H 24 -13.00 21.90 30.79
N ILE H 25 -13.79 21.68 29.73
CA ILE H 25 -13.78 22.48 28.50
C ILE H 25 -15.22 22.61 27.94
N SER H 26 -15.60 23.83 27.53
CA SER H 26 -16.91 24.04 26.95
C SER H 26 -16.93 23.59 25.46
N SER H 27 -18.10 23.32 24.91
CA SER H 27 -18.32 22.85 23.53
C SER H 27 -17.83 23.87 22.49
N LYS H 28 -18.07 25.17 22.70
CA LYS H 28 -17.61 26.18 21.75
C LYS H 28 -16.09 26.16 21.79
N ALA H 29 -15.53 26.22 23.02
CA ALA H 29 -14.11 26.15 23.29
C ALA H 29 -13.48 24.92 22.65
N MET H 30 -14.17 23.75 22.71
CA MET H 30 -13.65 22.52 22.13
C MET H 30 -13.61 22.61 20.63
N GLY H 31 -14.63 23.26 20.07
CA GLY H 31 -14.74 23.47 18.63
C GLY H 31 -13.65 24.36 18.06
N ILE H 32 -13.21 25.37 18.86
CA ILE H 32 -12.16 26.32 18.50
C ILE H 32 -10.83 25.57 18.51
N MET H 33 -10.63 24.71 19.53
CA MET H 33 -9.42 23.90 19.64
C MET H 33 -9.29 22.98 18.43
N ASN H 34 -10.41 22.35 18.03
CA ASN H 34 -10.47 21.47 16.86
C ASN H 34 -10.20 22.26 15.55
N SER H 35 -10.70 23.50 15.47
CA SER H 35 -10.50 24.39 14.33
C SER H 35 -9.02 24.84 14.23
N PHE H 36 -8.42 25.22 15.38
CA PHE H 36 -7.01 25.61 15.49
C PHE H 36 -6.08 24.44 15.05
N VAL H 37 -6.27 23.22 15.62
CA VAL H 37 -5.53 21.99 15.26
C VAL H 37 -5.63 21.70 13.74
N ASN H 38 -6.86 21.86 13.18
CA ASN H 38 -7.11 21.63 11.76
C ASN H 38 -6.45 22.69 10.88
N ASP H 39 -6.52 23.99 11.26
CA ASP H 39 -5.88 25.10 10.51
C ASP H 39 -4.34 24.95 10.47
N ILE H 40 -3.74 24.55 11.59
CA ILE H 40 -2.31 24.36 11.69
C ILE H 40 -1.90 23.14 10.88
N PHE H 41 -2.70 22.05 10.96
CA PHE H 41 -2.42 20.85 10.21
C PHE H 41 -2.33 21.18 8.74
N GLU H 42 -3.32 21.91 8.20
CA GLU H 42 -3.38 22.30 6.77
C GLU H 42 -2.14 23.09 6.32
N ARG H 43 -1.64 24.03 7.16
CA ARG H 43 -0.47 24.85 6.89
C ARG H 43 0.78 23.98 6.75
N ILE H 44 1.05 23.11 7.76
CA ILE H 44 2.20 22.21 7.85
C ILE H 44 2.22 21.29 6.68
N ALA H 45 1.07 20.61 6.41
CA ALA H 45 0.88 19.69 5.31
C ALA H 45 1.17 20.36 3.97
N GLY H 46 0.55 21.52 3.71
CA GLY H 46 0.71 22.30 2.49
C GLY H 46 2.15 22.68 2.25
N GLU H 47 2.83 23.06 3.34
CA GLU H 47 4.25 23.41 3.38
C GLU H 47 5.14 22.19 3.07
N ALA H 48 4.92 21.03 3.73
CA ALA H 48 5.67 19.79 3.49
C ALA H 48 5.49 19.32 2.05
N SER H 49 4.26 19.53 1.54
CA SER H 49 3.83 19.16 0.22
C SER H 49 4.65 19.92 -0.79
N ARG H 50 4.85 21.23 -0.57
CA ARG H 50 5.65 21.98 -1.52
C ARG H 50 7.15 21.71 -1.47
N LEU H 51 7.67 21.27 -0.31
CA LEU H 51 9.09 20.93 -0.15
C LEU H 51 9.38 19.61 -0.87
N ALA H 52 8.42 18.66 -0.81
CA ALA H 52 8.53 17.37 -1.50
C ALA H 52 8.43 17.62 -2.99
N HIS H 53 7.70 18.70 -3.37
CA HIS H 53 7.59 19.13 -4.75
C HIS H 53 8.94 19.72 -5.17
N TYR H 54 9.49 20.66 -4.34
CA TYR H 54 10.76 21.36 -4.55
C TYR H 54 11.93 20.38 -4.75
N ASN H 55 11.98 19.32 -3.93
CA ASN H 55 13.05 18.31 -3.93
C ASN H 55 12.75 17.05 -4.72
N LYS H 56 11.62 17.05 -5.45
CA LYS H 56 11.18 15.94 -6.32
C LYS H 56 10.96 14.62 -5.60
N ARG H 57 10.89 14.70 -4.27
CA ARG H 57 10.67 13.59 -3.37
C ARG H 57 9.29 12.97 -3.58
N SER H 58 9.21 11.63 -3.59
CA SER H 58 7.96 10.91 -3.75
C SER H 58 7.36 10.59 -2.35
N THR H 59 8.23 10.48 -1.31
CA THR H 59 7.82 10.18 0.07
C THR H 59 8.00 11.37 1.02
N ILE H 60 6.90 11.76 1.72
CA ILE H 60 6.96 12.81 2.73
C ILE H 60 7.39 12.11 4.04
N THR H 61 8.46 12.63 4.65
CA THR H 61 9.07 12.12 5.87
C THR H 61 9.11 13.26 6.93
N SER H 62 9.56 12.95 8.17
CA SER H 62 9.72 13.91 9.26
C SER H 62 10.70 15.06 8.90
N ARG H 63 11.48 14.89 7.81
CA ARG H 63 12.43 15.89 7.34
C ARG H 63 11.68 17.11 6.79
N GLU H 64 10.60 16.86 6.05
CA GLU H 64 9.77 17.92 5.48
C GLU H 64 9.00 18.63 6.59
N ILE H 65 8.48 17.85 7.57
CA ILE H 65 7.73 18.40 8.71
C ILE H 65 8.65 19.29 9.54
N GLN H 66 9.90 18.85 9.82
CA GLN H 66 10.84 19.68 10.58
C GLN H 66 11.10 21.01 9.83
N THR H 67 11.31 20.91 8.50
CA THR H 67 11.54 22.06 7.63
C THR H 67 10.30 22.99 7.64
N ALA H 68 9.09 22.41 7.64
CA ALA H 68 7.82 23.15 7.65
C ALA H 68 7.61 23.89 8.99
N VAL H 69 7.79 23.16 10.13
CA VAL H 69 7.68 23.68 11.51
C VAL H 69 8.60 24.91 11.63
N ARG H 70 9.89 24.76 11.23
CA ARG H 70 10.91 25.82 11.22
C ARG H 70 10.52 27.07 10.43
N LEU H 71 9.73 26.91 9.36
CA LEU H 71 9.28 28.00 8.50
C LEU H 71 8.06 28.75 9.03
N LEU H 72 7.04 28.02 9.48
CA LEU H 72 5.75 28.56 9.91
C LEU H 72 5.59 28.86 11.39
N LEU H 73 6.39 28.21 12.26
CA LEU H 73 6.29 28.42 13.70
C LEU H 73 7.27 29.49 14.16
N PRO H 74 6.78 30.50 14.90
CA PRO H 74 7.68 31.59 15.37
C PRO H 74 8.43 31.31 16.66
N GLY H 75 9.59 31.95 16.77
CA GLY H 75 10.49 31.95 17.92
C GLY H 75 10.73 30.66 18.67
N GLU H 76 10.40 30.68 19.97
CA GLU H 76 10.58 29.59 20.93
C GLU H 76 9.70 28.38 20.62
N LEU H 77 8.56 28.60 19.92
CA LEU H 77 7.65 27.54 19.49
C LEU H 77 8.29 26.57 18.50
N ALA H 78 9.04 27.07 17.47
CA ALA H 78 9.68 26.20 16.45
C ALA H 78 10.76 25.33 17.06
N LYS H 79 11.58 25.91 17.98
CA LYS H 79 12.64 25.24 18.71
C LYS H 79 12.08 24.06 19.55
N HIS H 80 11.00 24.31 20.30
CA HIS H 80 10.35 23.31 21.17
C HIS H 80 9.58 22.26 20.38
N ALA H 81 8.88 22.66 19.31
CA ALA H 81 8.12 21.74 18.49
C ALA H 81 9.05 20.83 17.68
N VAL H 82 10.29 21.29 17.39
CA VAL H 82 11.29 20.50 16.69
C VAL H 82 11.85 19.45 17.65
N SER H 83 12.05 19.85 18.91
CA SER H 83 12.48 18.94 19.97
C SER H 83 11.40 17.88 20.28
N GLU H 84 10.11 18.26 20.22
CA GLU H 84 8.99 17.35 20.50
C GLU H 84 8.77 16.33 19.38
N GLY H 85 8.92 16.76 18.13
CA GLY H 85 8.72 15.93 16.94
C GLY H 85 9.80 14.89 16.75
N THR H 86 11.08 15.32 16.91
CA THR H 86 12.29 14.50 16.80
C THR H 86 12.29 13.38 17.86
N LYS H 87 12.04 13.76 19.13
CA LYS H 87 11.91 12.92 20.33
C LYS H 87 10.88 11.82 20.06
N ALA H 88 9.68 12.20 19.58
CA ALA H 88 8.61 11.24 19.29
C ALA H 88 9.03 10.29 18.16
N VAL H 89 9.66 10.80 17.06
CA VAL H 89 10.09 9.98 15.91
C VAL H 89 11.17 9.00 16.39
N THR H 90 12.14 9.53 17.17
CA THR H 90 13.21 8.76 17.78
C THR H 90 12.59 7.61 18.55
N LYS H 91 11.73 7.85 19.59
CA LYS H 91 11.13 6.72 20.35
C LYS H 91 10.20 5.76 19.58
N TYR H 92 9.74 6.16 18.37
CA TYR H 92 8.96 5.33 17.49
C TYR H 92 9.91 4.45 16.64
N THR H 93 10.98 5.06 16.06
CA THR H 93 11.99 4.39 15.21
C THR H 93 12.94 3.50 16.03
N SER H 94 13.12 3.85 17.33
CA SER H 94 13.94 3.11 18.29
C SER H 94 13.15 1.90 18.78
N PRO I 8 17.22 45.17 35.96
CA PRO I 8 17.63 44.57 37.24
C PRO I 8 16.53 43.79 37.95
N ARG I 9 15.28 44.35 38.00
CA ARG I 9 14.17 43.68 38.67
C ARG I 9 13.60 42.62 37.76
N LYS I 10 13.59 41.39 38.26
CA LYS I 10 13.08 40.23 37.53
C LYS I 10 11.54 40.31 37.33
N THR I 11 10.87 41.19 38.08
CA THR I 11 9.42 41.42 38.02
C THR I 11 8.99 42.77 37.37
N ALA I 12 9.97 43.58 36.90
CA ALA I 12 9.70 44.88 36.29
C ALA I 12 8.98 44.75 34.96
N GLY I 13 7.90 45.50 34.81
CA GLY I 13 7.11 45.51 33.58
C GLY I 13 6.22 44.30 33.47
N ASN I 14 5.99 43.67 34.59
CA ASN I 14 5.18 42.49 34.87
C ASN I 14 4.02 42.28 33.87
N ARG I 15 3.10 43.27 33.82
CA ARG I 15 1.86 43.27 33.06
C ARG I 15 1.84 44.26 31.90
N LEU I 16 2.91 45.07 31.71
CA LEU I 16 2.97 46.08 30.66
C LEU I 16 2.57 45.59 29.28
N SER I 17 3.26 44.55 28.78
CA SER I 17 2.99 43.94 27.47
C SER I 17 1.49 43.57 27.22
N GLY I 18 0.82 43.03 28.25
CA GLY I 18 -0.59 42.69 28.19
C GLY I 18 -1.53 43.87 28.19
N LEU I 19 -1.21 44.92 29.00
CA LEU I 19 -2.00 46.15 29.07
C LEU I 19 -1.99 46.84 27.71
N LEU I 20 -0.82 46.85 27.04
CA LEU I 20 -0.70 47.37 25.68
C LEU I 20 -1.58 46.53 24.73
N GLU I 21 -1.45 45.19 24.78
CA GLU I 21 -2.29 44.35 23.94
C GLU I 21 -3.78 44.62 24.12
N ALA I 22 -4.20 44.79 25.39
CA ALA I 22 -5.58 45.09 25.79
C ALA I 22 -6.09 46.46 25.35
N GLU I 23 -5.19 47.46 25.16
CA GLU I 23 -5.55 48.85 24.77
C GLU I 23 -6.48 48.93 23.55
N GLU I 24 -6.24 48.07 22.54
CA GLU I 24 -7.03 48.03 21.32
C GLU I 24 -7.71 46.70 21.19
N GLU I 25 -8.97 46.73 20.69
CA GLU I 25 -9.80 45.56 20.42
C GLU I 25 -9.21 44.78 19.23
N ASP I 26 -9.24 43.45 19.34
CA ASP I 26 -8.75 42.56 18.30
C ASP I 26 -9.94 41.95 17.64
N GLU I 27 -10.22 42.37 16.39
CA GLU I 27 -11.35 41.85 15.63
C GLU I 27 -11.06 40.42 15.20
N PHE I 28 -9.76 40.06 15.17
CA PHE I 28 -9.28 38.73 14.83
C PHE I 28 -9.95 37.66 15.73
N TYR I 29 -9.97 37.91 17.05
CA TYR I 29 -10.52 37.03 18.07
C TYR I 29 -12.05 37.07 18.18
N GLN I 30 -12.70 37.90 17.31
CA GLN I 30 -14.15 38.11 17.18
C GLN I 30 -14.72 37.32 15.99
N THR I 31 -13.86 36.98 15.00
CA THR I 31 -14.26 36.28 13.77
C THR I 31 -13.62 34.89 13.64
N THR I 32 -12.33 34.76 14.02
CA THR I 32 -11.55 33.53 13.89
C THR I 32 -12.18 32.32 14.56
N TYR I 33 -12.46 31.28 13.74
CA TYR I 33 -13.08 29.99 14.11
C TYR I 33 -14.48 30.16 14.71
N GLY I 34 -15.12 31.29 14.38
CA GLY I 34 -16.45 31.67 14.86
C GLY I 34 -16.42 32.71 15.98
N GLY I 35 -15.21 33.16 16.33
CA GLY I 35 -14.99 34.12 17.40
C GLY I 35 -14.78 33.48 18.77
N PHE I 36 -13.83 34.03 19.53
CA PHE I 36 -13.44 33.56 20.87
C PHE I 36 -14.29 34.23 21.98
N THR I 37 -15.61 34.31 21.77
CA THR I 37 -16.57 34.90 22.71
C THR I 37 -17.46 33.83 23.39
N GLU I 38 -17.76 34.03 24.70
CA GLU I 38 -18.58 33.11 25.51
C GLU I 38 -20.02 33.23 25.07
N GLU I 39 -20.67 32.08 24.88
CA GLU I 39 -22.08 32.01 24.48
C GLU I 39 -22.94 31.69 25.69
N SER I 40 -24.24 32.02 25.62
CA SER I 40 -25.19 31.69 26.68
C SER I 40 -25.70 30.28 26.34
N GLY I 41 -25.52 29.36 27.27
CA GLY I 41 -25.90 27.97 27.06
C GLY I 41 -24.72 27.11 26.59
N ASP I 42 -23.48 27.68 26.65
CA ASP I 42 -22.22 27.02 26.30
C ASP I 42 -21.97 25.89 27.33
N ASP I 43 -22.51 24.68 27.02
CA ASP I 43 -22.43 23.50 27.87
C ASP I 43 -21.02 22.92 27.93
N GLU I 44 -20.79 21.95 28.85
CA GLU I 44 -19.50 21.27 28.95
C GLU I 44 -19.39 20.25 27.83
N TYR I 45 -18.16 19.98 27.38
CA TYR I 45 -17.91 19.00 26.33
C TYR I 45 -18.09 17.59 26.90
N GLN I 46 -18.90 16.74 26.20
CA GLN I 46 -19.25 15.36 26.56
C GLN I 46 -18.06 14.37 26.65
N GLY I 47 -17.97 13.66 27.78
CA GLY I 47 -16.94 12.66 28.07
C GLY I 47 -15.51 13.16 28.05
N ASP I 51 -16.20 4.97 19.09
CA ASP I 51 -15.13 5.05 18.08
C ASP I 51 -14.23 6.23 18.38
N THR I 52 -13.23 5.96 19.24
CA THR I 52 -12.27 6.94 19.74
C THR I 52 -10.83 6.68 19.29
N GLU I 53 -10.38 5.41 19.36
CA GLU I 53 -9.04 4.91 19.03
C GLU I 53 -8.49 5.27 17.63
N ASP I 54 -7.18 5.15 17.47
CA ASP I 54 -6.46 5.40 16.23
C ASP I 54 -6.85 4.36 15.16
N GLU I 55 -6.89 4.79 13.89
CA GLU I 55 -7.22 3.97 12.74
C GLU I 55 -5.95 3.98 11.86
N VAL I 56 -5.37 2.81 11.57
CA VAL I 56 -4.11 2.71 10.84
C VAL I 56 -4.28 2.03 9.46
N ASP I 57 -3.74 2.68 8.41
CA ASP I 57 -3.77 2.18 7.03
C ASP I 57 -2.63 1.16 6.81
N SER I 58 -2.67 0.43 5.71
CA SER I 58 -1.68 -0.59 5.39
C SER I 58 -0.27 -0.05 5.15
N ASP I 59 -0.18 1.17 4.56
CA ASP I 59 1.07 1.80 4.16
C ASP I 59 1.68 2.72 5.21
N PHE I 60 1.44 2.44 6.49
CA PHE I 60 1.96 3.27 7.57
C PHE I 60 3.49 3.08 7.72
N ASP I 61 3.89 1.80 7.86
CA ASP I 61 5.25 1.36 8.08
C ASP I 61 5.94 0.86 6.81
N ILE I 62 5.76 1.58 5.68
CA ILE I 62 6.44 1.27 4.43
C ILE I 62 7.91 1.75 4.57
N ASP I 63 8.83 1.18 3.79
CA ASP I 63 10.24 1.58 3.78
C ASP I 63 10.33 3.00 3.17
N GLU I 64 10.66 3.97 4.01
CA GLU I 64 10.75 5.39 3.66
C GLU I 64 11.98 5.64 2.84
N SER J 1 -15.15 4.19 21.99
CA SER J 1 -14.33 2.98 22.14
C SER J 1 -15.11 1.75 21.68
N ARG J 2 -14.52 0.96 20.77
CA ARG J 2 -15.18 -0.22 20.20
C ARG J 2 -15.34 -1.32 21.25
N SER J 3 -14.31 -1.52 22.10
CA SER J 3 -14.38 -2.52 23.17
C SER J 3 -15.51 -2.18 24.17
N GLN J 4 -15.67 -0.87 24.50
CA GLN J 4 -16.75 -0.36 25.36
C GLN J 4 -18.11 -0.50 24.66
N ARG J 5 -18.18 -0.21 23.34
CA ARG J 5 -19.38 -0.37 22.50
C ARG J 5 -19.92 -1.80 22.62
N ALA J 6 -19.07 -2.82 22.30
CA ALA J 6 -19.35 -4.25 22.39
C ALA J 6 -19.49 -4.75 23.84
N GLY J 7 -19.08 -3.92 24.81
CA GLY J 7 -19.14 -4.19 26.25
C GLY J 7 -17.98 -5.00 26.79
N LEU J 8 -16.86 -5.02 26.05
CA LEU J 8 -15.67 -5.79 26.37
C LEU J 8 -14.54 -5.02 27.02
N GLN J 9 -13.60 -5.77 27.61
CA GLN J 9 -12.35 -5.32 28.21
C GLN J 9 -11.22 -5.67 27.23
N PHE J 10 -11.40 -6.76 26.46
CA PHE J 10 -10.45 -7.27 25.48
C PHE J 10 -10.31 -6.32 24.30
N PRO J 11 -9.10 -6.24 23.68
CA PRO J 11 -8.90 -5.27 22.58
C PRO J 11 -9.30 -5.76 21.19
N VAL J 12 -10.50 -5.36 20.72
CA VAL J 12 -11.05 -5.76 19.41
C VAL J 12 -10.13 -5.48 18.22
N GLY J 13 -9.49 -4.32 18.20
CA GLY J 13 -8.56 -3.93 17.14
C GLY J 13 -7.34 -4.82 17.06
N ARG J 14 -6.76 -5.16 18.24
CA ARG J 14 -5.60 -6.03 18.37
C ARG J 14 -5.99 -7.48 18.04
N ILE J 15 -7.28 -7.84 18.29
CA ILE J 15 -7.81 -9.18 18.00
C ILE J 15 -8.07 -9.33 16.50
N HIS J 16 -8.48 -8.23 15.85
CA HIS J 16 -8.77 -8.11 14.42
C HIS J 16 -7.49 -8.33 13.67
N ARG J 17 -6.44 -7.60 14.06
CA ARG J 17 -5.07 -7.65 13.50
C ARG J 17 -4.54 -9.09 13.53
N HIS J 18 -4.66 -9.75 14.70
CA HIS J 18 -4.22 -11.11 14.93
C HIS J 18 -4.99 -12.13 14.07
N LEU J 19 -6.35 -11.95 13.95
CA LEU J 19 -7.24 -12.78 13.12
C LEU J 19 -6.83 -12.65 11.65
N LYS J 20 -6.63 -11.39 11.17
CA LYS J 20 -6.18 -11.03 9.82
C LYS J 20 -4.91 -11.76 9.49
N SER J 21 -3.96 -11.77 10.44
CA SER J 21 -2.66 -12.42 10.28
C SER J 21 -2.71 -13.95 10.13
N ARG J 22 -3.89 -14.59 10.36
CA ARG J 22 -4.04 -16.06 10.26
C ARG J 22 -4.88 -16.49 9.06
N THR J 23 -5.33 -15.52 8.25
CA THR J 23 -6.19 -15.74 7.08
C THR J 23 -5.42 -16.15 5.83
N THR J 24 -6.17 -16.64 4.84
CA THR J 24 -5.70 -17.03 3.52
C THR J 24 -5.52 -15.74 2.71
N SER J 25 -5.07 -15.88 1.43
CA SER J 25 -4.83 -14.72 0.57
C SER J 25 -6.14 -14.13 0.10
N HIS J 26 -6.25 -12.79 0.22
CA HIS J 26 -7.40 -11.92 -0.11
C HIS J 26 -8.43 -11.92 0.99
N GLY J 27 -8.22 -12.77 1.98
CA GLY J 27 -9.09 -12.94 3.14
C GLY J 27 -9.26 -11.67 3.93
N ARG J 28 -10.51 -11.22 4.04
CA ARG J 28 -10.90 -10.05 4.82
C ARG J 28 -11.43 -10.57 6.16
N VAL J 29 -11.38 -9.74 7.20
CA VAL J 29 -11.89 -10.09 8.54
C VAL J 29 -12.81 -8.93 8.95
N GLY J 30 -14.10 -9.23 9.14
CA GLY J 30 -15.08 -8.22 9.53
C GLY J 30 -14.97 -7.75 10.97
N ALA J 31 -15.77 -6.74 11.33
CA ALA J 31 -15.82 -6.24 12.69
C ALA J 31 -16.44 -7.30 13.61
N THR J 32 -17.47 -8.02 13.12
CA THR J 32 -18.20 -9.04 13.88
C THR J 32 -17.35 -10.25 14.27
N ALA J 33 -16.32 -10.59 13.45
CA ALA J 33 -15.40 -11.69 13.74
C ALA J 33 -14.50 -11.33 14.92
N ALA J 34 -13.88 -10.14 14.90
CA ALA J 34 -13.02 -9.60 15.95
C ALA J 34 -13.80 -9.40 17.26
N VAL J 35 -15.05 -8.89 17.18
CA VAL J 35 -15.93 -8.64 18.32
C VAL J 35 -16.40 -9.97 18.98
N TYR J 36 -16.85 -10.94 18.18
CA TYR J 36 -17.27 -12.26 18.67
C TYR J 36 -16.08 -12.90 19.35
N SER J 37 -14.94 -13.04 18.61
CA SER J 37 -13.64 -13.61 19.05
C SER J 37 -13.18 -13.04 20.38
N ALA J 38 -13.17 -11.70 20.53
CA ALA J 38 -12.79 -11.03 21.78
C ALA J 38 -13.76 -11.39 22.91
N ALA J 39 -15.06 -11.55 22.59
CA ALA J 39 -16.09 -11.90 23.58
C ALA J 39 -15.96 -13.35 24.07
N ILE J 40 -15.49 -14.28 23.22
CA ILE J 40 -15.33 -15.67 23.65
C ILE J 40 -14.06 -15.88 24.49
N LEU J 41 -13.02 -15.08 24.21
CA LEU J 41 -11.78 -15.08 24.98
C LEU J 41 -12.00 -14.37 26.33
N GLU J 42 -12.89 -13.35 26.38
CA GLU J 42 -13.19 -12.65 27.63
C GLU J 42 -14.01 -13.57 28.50
N TYR J 43 -15.01 -14.25 27.92
CA TYR J 43 -15.87 -15.18 28.65
C TYR J 43 -15.05 -16.34 29.25
N LEU J 44 -14.12 -16.89 28.47
CA LEU J 44 -13.26 -17.99 28.92
C LEU J 44 -12.30 -17.54 30.01
N THR J 45 -11.77 -16.31 29.89
CA THR J 45 -10.89 -15.71 30.90
C THR J 45 -11.68 -15.58 32.21
N ALA J 46 -12.93 -15.03 32.15
CA ALA J 46 -13.85 -14.83 33.28
C ALA J 46 -14.13 -16.14 34.01
N GLU J 47 -14.42 -17.22 33.25
CA GLU J 47 -14.69 -18.55 33.74
C GLU J 47 -13.57 -19.06 34.62
N VAL J 48 -12.35 -19.06 34.07
CA VAL J 48 -11.12 -19.53 34.71
C VAL J 48 -10.89 -18.71 35.97
N LEU J 49 -11.00 -17.37 35.86
CA LEU J 49 -10.74 -16.50 37.01
C LEU J 49 -11.79 -16.58 38.10
N GLU J 50 -13.04 -16.94 37.74
CA GLU J 50 -14.15 -17.06 38.67
C GLU J 50 -13.86 -18.21 39.64
N LEU J 51 -13.45 -19.37 39.11
CA LEU J 51 -13.09 -20.57 39.88
C LEU J 51 -11.74 -20.47 40.55
N ALA J 52 -10.76 -19.82 39.88
CA ALA J 52 -9.42 -19.69 40.46
C ALA J 52 -9.42 -18.86 41.75
N GLY J 53 -10.25 -17.81 41.80
CA GLY J 53 -10.39 -16.91 42.95
C GLY J 53 -11.25 -17.42 44.08
N ASN J 54 -11.82 -18.61 43.88
CA ASN J 54 -12.66 -19.33 44.81
C ASN J 54 -12.01 -20.68 45.11
N ALA J 55 -10.82 -20.96 44.49
CA ALA J 55 -10.05 -22.21 44.68
C ALA J 55 -9.45 -22.21 46.09
N SER J 56 -10.31 -22.47 47.11
CA SER J 56 -9.97 -22.48 48.54
C SER J 56 -11.15 -23.10 49.31
N LYS J 57 -10.87 -23.83 50.43
CA LYS J 57 -11.93 -24.42 51.29
C LYS J 57 -12.65 -23.25 51.99
N ASP J 58 -11.91 -22.13 52.14
CA ASP J 58 -12.38 -20.85 52.69
C ASP J 58 -13.06 -19.98 51.57
N LEU J 59 -13.27 -20.57 50.35
CA LEU J 59 -13.88 -20.03 49.12
C LEU J 59 -13.36 -18.68 48.60
N LYS J 60 -12.39 -18.09 49.31
CA LYS J 60 -11.77 -16.82 48.98
C LYS J 60 -10.28 -17.06 48.75
N VAL J 61 -9.73 -16.42 47.70
CA VAL J 61 -8.30 -16.44 47.36
C VAL J 61 -7.83 -14.97 47.34
N LYS J 62 -6.68 -14.66 48.00
CA LYS J 62 -6.13 -13.29 48.01
C LYS J 62 -5.34 -13.02 46.71
N ARG J 63 -4.39 -13.91 46.36
CA ARG J 63 -3.58 -13.79 45.14
C ARG J 63 -3.70 -15.08 44.32
N ILE J 64 -4.24 -15.00 43.09
CA ILE J 64 -4.35 -16.15 42.19
C ILE J 64 -2.94 -16.57 41.78
N THR J 65 -2.58 -17.84 42.04
CA THR J 65 -1.28 -18.43 41.70
C THR J 65 -1.47 -19.59 40.68
N PRO J 66 -0.38 -20.12 40.02
CA PRO J 66 -0.54 -21.29 39.15
C PRO J 66 -1.35 -22.47 39.73
N ARG J 67 -1.27 -22.72 41.07
CA ARG J 67 -2.00 -23.78 41.79
C ARG J 67 -3.52 -23.55 41.69
N HIS J 68 -3.98 -22.30 41.93
CA HIS J 68 -5.38 -21.89 41.87
C HIS J 68 -5.96 -22.10 40.47
N LEU J 69 -5.18 -21.77 39.43
CA LEU J 69 -5.55 -21.97 38.03
C LEU J 69 -5.69 -23.47 37.72
N GLN J 70 -4.78 -24.31 38.26
CA GLN J 70 -4.89 -25.74 38.02
C GLN J 70 -6.22 -26.21 38.62
N LEU J 71 -6.50 -25.80 39.90
CA LEU J 71 -7.71 -26.15 40.63
C LEU J 71 -8.97 -25.71 39.90
N ALA J 72 -8.93 -24.52 39.27
CA ALA J 72 -10.03 -23.96 38.48
C ALA J 72 -10.29 -24.78 37.22
N ILE J 73 -9.25 -24.94 36.37
CA ILE J 73 -9.32 -25.65 35.11
C ILE J 73 -9.54 -27.16 35.33
N ARG J 74 -8.68 -27.82 36.13
CA ARG J 74 -8.80 -29.26 36.42
C ARG J 74 -10.08 -29.51 37.23
N GLY J 75 -10.50 -28.53 38.03
CA GLY J 75 -11.72 -28.57 38.83
C GLY J 75 -12.99 -28.42 38.00
N ASP J 76 -12.84 -28.14 36.69
CA ASP J 76 -13.95 -27.96 35.77
C ASP J 76 -13.83 -29.00 34.67
N GLU J 77 -14.79 -29.92 34.56
CA GLU J 77 -14.67 -30.93 33.52
C GLU J 77 -14.64 -30.38 32.05
N GLU J 78 -15.40 -29.31 31.76
CA GLU J 78 -15.44 -28.68 30.41
C GLU J 78 -14.19 -27.87 30.17
N LEU J 79 -13.66 -27.18 31.20
CA LEU J 79 -12.42 -26.40 31.03
C LEU J 79 -11.24 -27.34 30.81
N ASP J 80 -11.17 -28.43 31.58
CA ASP J 80 -10.17 -29.51 31.49
C ASP J 80 -10.18 -30.19 30.09
N SER J 81 -11.37 -30.44 29.55
CA SER J 81 -11.53 -31.02 28.22
C SER J 81 -11.09 -30.06 27.12
N LEU J 82 -11.26 -28.75 27.34
CA LEU J 82 -10.91 -27.72 26.38
C LEU J 82 -9.40 -27.54 26.35
N ILE J 83 -8.77 -27.51 27.52
CA ILE J 83 -7.33 -27.32 27.57
C ILE J 83 -6.60 -28.55 27.01
N LYS J 84 -7.10 -29.77 27.34
CA LYS J 84 -6.52 -31.04 26.89
C LYS J 84 -6.63 -31.31 25.38
N ALA J 85 -7.51 -30.59 24.66
CA ALA J 85 -7.73 -30.67 23.20
C ALA J 85 -6.70 -29.89 22.33
N GLU K 6 1.43 -12.30 21.38
CA GLU K 6 0.51 -11.22 21.78
C GLU K 6 0.26 -11.20 23.27
N SER K 7 0.35 -10.01 23.92
CA SER K 7 0.09 -9.88 25.36
C SER K 7 -1.33 -9.42 25.61
N TYR K 8 -2.10 -10.28 26.32
CA TYR K 8 -3.49 -10.03 26.67
C TYR K 8 -3.63 -9.88 28.19
N SER K 9 -2.45 -9.78 28.88
CA SER K 9 -2.23 -9.65 30.33
C SER K 9 -3.02 -8.55 31.03
N ILE K 10 -2.94 -7.36 30.46
CA ILE K 10 -3.58 -6.11 30.87
C ILE K 10 -5.11 -6.35 30.93
N TYR K 11 -5.63 -7.04 29.90
CA TYR K 11 -7.04 -7.33 29.68
C TYR K 11 -7.53 -8.42 30.63
N VAL K 12 -6.67 -9.44 30.86
CA VAL K 12 -6.92 -10.55 31.80
C VAL K 12 -7.06 -9.93 33.21
N TYR K 13 -6.24 -8.86 33.50
CA TYR K 13 -6.30 -8.12 34.76
C TYR K 13 -7.65 -7.38 34.94
N LYS K 14 -8.16 -6.75 33.85
CA LYS K 14 -9.43 -6.02 33.85
C LYS K 14 -10.60 -6.98 34.10
N VAL K 15 -10.52 -8.18 33.49
CA VAL K 15 -11.54 -9.21 33.65
C VAL K 15 -11.52 -9.73 35.11
N LEU K 16 -10.29 -9.86 35.68
CA LEU K 16 -10.03 -10.29 37.06
C LEU K 16 -10.72 -9.36 38.07
N LYS K 17 -10.53 -8.03 37.91
CA LYS K 17 -11.13 -7.00 38.76
C LYS K 17 -12.62 -6.87 38.52
N GLN K 18 -13.13 -7.51 37.48
CA GLN K 18 -14.55 -7.52 37.18
C GLN K 18 -15.18 -8.67 37.98
N VAL K 19 -14.61 -9.92 37.87
CA VAL K 19 -15.06 -11.16 38.54
C VAL K 19 -14.81 -11.15 40.08
N HIS K 20 -13.57 -10.76 40.49
CA HIS K 20 -13.12 -10.72 41.87
C HIS K 20 -12.29 -9.43 42.08
N PRO K 21 -12.95 -8.28 42.41
CA PRO K 21 -12.20 -7.01 42.56
C PRO K 21 -11.09 -7.01 43.59
N ASP K 22 -11.22 -7.82 44.67
CA ASP K 22 -10.24 -7.92 45.76
C ASP K 22 -9.23 -9.06 45.63
N THR K 23 -9.19 -9.73 44.46
CA THR K 23 -8.27 -10.82 44.17
C THR K 23 -7.12 -10.39 43.23
N GLY K 24 -5.90 -10.63 43.68
CA GLY K 24 -4.69 -10.37 42.91
C GLY K 24 -4.28 -11.57 42.09
N ILE K 25 -3.10 -11.52 41.46
CA ILE K 25 -2.58 -12.60 40.61
C ILE K 25 -1.05 -12.61 40.59
N SER K 26 -0.43 -13.79 40.69
CA SER K 26 1.03 -13.90 40.65
C SER K 26 1.48 -13.77 39.21
N SER K 27 2.72 -13.28 38.97
CA SER K 27 3.27 -13.09 37.62
C SER K 27 3.27 -14.37 36.73
N LYS K 28 3.51 -15.56 37.36
CA LYS K 28 3.55 -16.86 36.67
C LYS K 28 2.15 -17.27 36.29
N ALA K 29 1.17 -16.97 37.16
CA ALA K 29 -0.25 -17.28 36.91
C ALA K 29 -0.73 -16.47 35.69
N MET K 30 -0.34 -15.17 35.61
CA MET K 30 -0.67 -14.30 34.48
C MET K 30 -0.02 -14.81 33.18
N GLY K 31 1.24 -15.29 33.27
CA GLY K 31 1.95 -15.89 32.16
C GLY K 31 1.11 -17.00 31.54
N ILE K 32 0.64 -17.97 32.38
CA ILE K 32 -0.24 -19.10 32.04
C ILE K 32 -1.60 -18.60 31.46
N MET K 33 -2.20 -17.55 32.07
CA MET K 33 -3.47 -16.99 31.58
C MET K 33 -3.29 -16.40 30.18
N ASN K 34 -2.11 -15.83 29.92
CA ASN K 34 -1.78 -15.28 28.61
C ASN K 34 -1.51 -16.37 27.59
N SER K 35 -0.88 -17.49 28.05
CA SER K 35 -0.55 -18.63 27.19
C SER K 35 -1.83 -19.35 26.73
N PHE K 36 -2.81 -19.46 27.65
CA PHE K 36 -4.10 -20.09 27.42
C PHE K 36 -4.93 -19.27 26.42
N VAL K 37 -5.10 -17.95 26.66
CA VAL K 37 -5.85 -17.03 25.80
C VAL K 37 -5.31 -17.13 24.37
N ASN K 38 -3.99 -17.08 24.22
CA ASN K 38 -3.32 -17.19 22.92
C ASN K 38 -3.56 -18.53 22.29
N ASP K 39 -3.51 -19.62 23.07
CA ASP K 39 -3.72 -20.96 22.56
C ASP K 39 -5.10 -21.12 21.97
N ILE K 40 -6.13 -20.79 22.75
CA ILE K 40 -7.53 -20.85 22.34
C ILE K 40 -7.78 -19.98 21.11
N PHE K 41 -7.27 -18.73 21.11
CA PHE K 41 -7.35 -17.80 19.97
C PHE K 41 -6.80 -18.42 18.66
N GLU K 42 -5.62 -19.07 18.70
CA GLU K 42 -5.05 -19.67 17.49
C GLU K 42 -5.94 -20.80 16.98
N ARG K 43 -6.50 -21.59 17.90
CA ARG K 43 -7.44 -22.68 17.60
C ARG K 43 -8.66 -22.13 16.88
N ILE K 44 -9.30 -21.10 17.47
CA ILE K 44 -10.50 -20.44 16.91
C ILE K 44 -10.17 -19.80 15.56
N ALA K 45 -9.12 -18.97 15.49
CA ALA K 45 -8.69 -18.27 14.26
C ALA K 45 -8.22 -19.21 13.13
N GLY K 46 -7.60 -20.33 13.50
CA GLY K 46 -7.11 -21.34 12.56
C GLY K 46 -8.23 -22.14 11.95
N GLU K 47 -9.24 -22.44 12.78
CA GLU K 47 -10.46 -23.13 12.38
C GLU K 47 -11.33 -22.18 11.55
N ALA K 48 -11.59 -20.95 12.05
CA ALA K 48 -12.37 -19.92 11.35
C ALA K 48 -11.83 -19.63 9.93
N SER K 49 -10.48 -19.59 9.75
CA SER K 49 -9.90 -19.35 8.43
C SER K 49 -9.89 -20.63 7.55
N ARG K 50 -9.97 -21.83 8.18
CA ARG K 50 -10.08 -23.11 7.49
C ARG K 50 -11.50 -23.17 6.92
N LEU K 51 -12.49 -22.68 7.72
CA LEU K 51 -13.91 -22.57 7.37
C LEU K 51 -14.14 -21.63 6.20
N ALA K 52 -13.48 -20.45 6.21
CA ALA K 52 -13.64 -19.47 5.13
C ALA K 52 -12.96 -19.93 3.84
N HIS K 53 -11.95 -20.80 3.93
CA HIS K 53 -11.31 -21.34 2.73
C HIS K 53 -12.17 -22.45 2.11
N TYR K 54 -12.64 -23.43 2.93
CA TYR K 54 -13.52 -24.53 2.47
C TYR K 54 -14.78 -23.97 1.81
N ASN K 55 -15.31 -22.86 2.36
CA ASN K 55 -16.50 -22.19 1.81
C ASN K 55 -16.06 -21.08 0.83
N LYS K 56 -16.96 -20.60 -0.02
CA LYS K 56 -16.62 -19.57 -0.99
C LYS K 56 -16.69 -18.15 -0.38
N ARG K 57 -16.48 -18.08 0.95
CA ARG K 57 -16.49 -16.87 1.76
C ARG K 57 -15.11 -16.20 1.79
N SER K 58 -15.07 -14.89 1.57
CA SER K 58 -13.81 -14.13 1.61
C SER K 58 -13.57 -13.60 3.02
N THR K 59 -14.66 -13.04 3.60
CA THR K 59 -14.67 -12.39 4.90
C THR K 59 -14.99 -13.33 6.05
N ILE K 60 -14.21 -13.22 7.12
CA ILE K 60 -14.46 -13.94 8.35
C ILE K 60 -15.38 -13.01 9.16
N THR K 61 -16.54 -13.55 9.56
CA THR K 61 -17.60 -12.87 10.30
C THR K 61 -17.93 -13.68 11.56
N SER K 62 -18.87 -13.18 12.39
CA SER K 62 -19.32 -13.83 13.61
C SER K 62 -19.81 -15.26 13.37
N ARG K 63 -20.24 -15.57 12.12
CA ARG K 63 -20.74 -16.86 11.65
C ARG K 63 -19.68 -17.96 11.79
N GLU K 64 -18.55 -17.77 11.10
CA GLU K 64 -17.39 -18.68 11.10
C GLU K 64 -16.79 -18.82 12.52
N ILE K 65 -16.81 -17.72 13.32
CA ILE K 65 -16.37 -17.75 14.72
C ILE K 65 -17.35 -18.60 15.54
N GLN K 66 -18.66 -18.43 15.32
CA GLN K 66 -19.69 -19.21 16.01
C GLN K 66 -19.57 -20.70 15.66
N THR K 67 -19.25 -20.99 14.39
CA THR K 67 -19.07 -22.35 13.90
C THR K 67 -17.87 -23.02 14.57
N ALA K 68 -16.77 -22.26 14.71
CA ALA K 68 -15.51 -22.67 15.35
C ALA K 68 -15.71 -22.83 16.85
N VAL K 69 -16.49 -21.93 17.48
CA VAL K 69 -16.78 -21.97 18.92
C VAL K 69 -17.53 -23.27 19.27
N ARG K 70 -18.49 -23.67 18.44
CA ARG K 70 -19.26 -24.90 18.62
C ARG K 70 -18.41 -26.17 18.43
N LEU K 71 -17.48 -26.15 17.43
CA LEU K 71 -16.58 -27.26 17.14
C LEU K 71 -15.55 -27.46 18.24
N LEU K 72 -14.94 -26.35 18.72
CA LEU K 72 -13.84 -26.39 19.68
C LEU K 72 -14.17 -26.35 21.18
N LEU K 73 -15.43 -26.06 21.54
CA LEU K 73 -15.77 -25.92 22.95
C LEU K 73 -16.78 -26.96 23.40
N PRO K 74 -16.58 -27.54 24.62
CA PRO K 74 -17.52 -28.54 25.12
C PRO K 74 -18.77 -27.93 25.75
N GLY K 75 -19.71 -28.82 26.10
CA GLY K 75 -21.01 -28.61 26.73
C GLY K 75 -21.57 -27.21 26.86
N GLU K 76 -21.68 -26.77 28.10
CA GLU K 76 -22.19 -25.48 28.52
C GLU K 76 -21.25 -24.33 28.18
N LEU K 77 -19.94 -24.61 28.04
CA LEU K 77 -18.93 -23.59 27.69
C LEU K 77 -19.25 -23.03 26.30
N ALA K 78 -19.57 -23.95 25.34
CA ALA K 78 -19.96 -23.66 23.97
C ALA K 78 -21.22 -22.81 23.95
N LYS K 79 -22.26 -23.22 24.73
CA LYS K 79 -23.55 -22.53 24.86
C LYS K 79 -23.36 -21.06 25.30
N HIS K 80 -22.59 -20.81 26.39
CA HIS K 80 -22.37 -19.46 26.92
C HIS K 80 -21.45 -18.60 26.07
N ALA K 81 -20.45 -19.19 25.41
CA ALA K 81 -19.52 -18.45 24.55
C ALA K 81 -20.30 -17.90 23.38
N VAL K 82 -21.18 -18.73 22.79
CA VAL K 82 -22.07 -18.39 21.68
C VAL K 82 -22.99 -17.21 22.07
N SER K 83 -23.48 -17.18 23.34
CA SER K 83 -24.35 -16.12 23.86
C SER K 83 -23.57 -14.87 24.17
N GLU K 84 -22.27 -15.01 24.47
CA GLU K 84 -21.35 -13.90 24.78
C GLU K 84 -20.94 -13.17 23.50
N GLY K 85 -20.54 -13.93 22.48
CA GLY K 85 -20.21 -13.41 21.15
C GLY K 85 -21.40 -12.71 20.52
N THR K 86 -22.62 -13.31 20.72
CA THR K 86 -23.92 -12.80 20.29
C THR K 86 -24.20 -11.47 20.99
N LYS K 87 -24.00 -11.40 22.32
CA LYS K 87 -24.23 -10.17 23.10
C LYS K 87 -23.37 -9.04 22.56
N ALA K 88 -22.06 -9.31 22.35
CA ALA K 88 -21.07 -8.36 21.86
C ALA K 88 -21.37 -7.85 20.46
N VAL K 89 -21.74 -8.75 19.54
CA VAL K 89 -22.06 -8.30 18.17
C VAL K 89 -23.39 -7.50 18.17
N THR K 90 -24.37 -7.87 19.05
CA THR K 90 -25.63 -7.11 19.15
C THR K 90 -25.38 -5.68 19.72
N LYS K 91 -24.47 -5.54 20.72
CA LYS K 91 -24.09 -4.28 21.38
C LYS K 91 -23.28 -3.41 20.43
N TYR K 92 -22.37 -4.05 19.66
CA TYR K 92 -21.54 -3.34 18.71
C TYR K 92 -22.33 -2.89 17.46
N THR K 93 -23.26 -3.71 16.96
CA THR K 93 -23.99 -3.36 15.74
C THR K 93 -25.21 -2.44 15.93
N SER K 94 -25.42 -1.93 17.16
CA SER K 94 -26.52 -1.03 17.53
C SER K 94 -26.05 0.36 17.99
N PRO L 8 -32.84 -38.94 46.96
CA PRO L 8 -32.01 -37.96 46.21
C PRO L 8 -31.59 -36.80 47.10
N ARG L 9 -30.28 -36.68 47.34
CA ARG L 9 -29.77 -35.61 48.20
C ARG L 9 -28.96 -34.62 47.35
N LYS L 10 -29.35 -33.34 47.36
CA LYS L 10 -28.81 -32.19 46.60
C LYS L 10 -27.31 -32.05 46.69
N THR L 11 -26.75 -32.49 47.80
CA THR L 11 -25.35 -32.39 48.17
C THR L 11 -24.60 -33.75 48.20
N ALA L 12 -25.27 -34.86 47.86
CA ALA L 12 -24.65 -36.19 47.88
C ALA L 12 -23.54 -36.29 46.83
N GLY L 13 -22.43 -36.93 47.21
CA GLY L 13 -21.28 -37.12 46.34
C GLY L 13 -20.61 -35.82 45.96
N ASN L 14 -20.79 -34.85 46.86
CA ASN L 14 -20.34 -33.46 46.90
C ASN L 14 -18.95 -33.27 46.28
N ARG L 15 -17.94 -33.97 46.82
CA ARG L 15 -16.54 -33.88 46.43
C ARG L 15 -16.01 -35.16 45.78
N LEU L 16 -16.91 -36.06 45.34
CA LEU L 16 -16.52 -37.34 44.74
C LEU L 16 -15.87 -37.26 43.33
N SER L 17 -16.32 -36.31 42.47
CA SER L 17 -15.72 -36.17 41.12
C SER L 17 -14.26 -35.69 41.24
N GLY L 18 -14.02 -34.73 42.16
CA GLY L 18 -12.71 -34.17 42.43
C GLY L 18 -11.76 -35.16 43.07
N LEU L 19 -12.28 -35.96 44.01
CA LEU L 19 -11.50 -37.02 44.67
C LEU L 19 -11.12 -38.08 43.68
N LEU L 20 -12.05 -38.47 42.80
CA LEU L 20 -11.79 -39.43 41.73
C LEU L 20 -10.80 -38.86 40.71
N GLU L 21 -10.84 -37.53 40.44
CA GLU L 21 -9.90 -36.84 39.53
C GLU L 21 -8.47 -36.85 40.08
N ALA L 22 -8.31 -36.45 41.35
CA ALA L 22 -7.03 -36.39 42.02
C ALA L 22 -6.30 -37.73 42.11
N GLU L 23 -7.04 -38.86 42.24
CA GLU L 23 -6.53 -40.25 42.37
C GLU L 23 -5.47 -40.61 41.32
N GLU L 24 -5.59 -40.01 40.12
CA GLU L 24 -4.68 -40.19 39.00
C GLU L 24 -3.65 -39.05 38.84
N GLU L 25 -2.49 -39.37 38.20
CA GLU L 25 -1.37 -38.44 37.93
C GLU L 25 -1.79 -37.25 37.07
N ASP L 26 -1.39 -36.04 37.50
CA ASP L 26 -1.71 -34.74 36.86
C ASP L 26 -0.67 -34.28 35.84
N GLU L 27 -0.06 -35.24 35.10
CA GLU L 27 1.02 -35.03 34.13
C GLU L 27 0.79 -33.98 33.05
N PHE L 28 -0.47 -33.63 32.77
CA PHE L 28 -0.80 -32.58 31.83
C PHE L 28 -0.51 -31.19 32.43
N TYR L 29 -0.97 -30.95 33.67
CA TYR L 29 -0.79 -29.64 34.36
C TYR L 29 0.63 -29.42 34.81
N GLN L 30 1.40 -30.53 34.93
CA GLN L 30 2.82 -30.48 35.27
C GLN L 30 3.65 -29.84 34.13
N THR L 31 3.28 -30.09 32.85
CA THR L 31 4.00 -29.65 31.64
C THR L 31 3.40 -28.49 30.84
N THR L 32 2.04 -28.40 30.77
CA THR L 32 1.31 -27.39 30.00
C THR L 32 1.60 -25.95 30.43
N TYR L 33 1.99 -25.12 29.44
CA TYR L 33 2.43 -23.71 29.59
C TYR L 33 3.63 -23.61 30.58
N GLY L 34 4.42 -24.67 30.61
CA GLY L 34 5.59 -24.86 31.45
C GLY L 34 5.30 -25.29 32.88
N GLY L 35 4.05 -25.70 33.12
CA GLY L 35 3.62 -26.12 34.44
C GLY L 35 2.67 -25.16 35.14
N PHE L 36 1.85 -25.73 36.06
CA PHE L 36 0.86 -25.09 36.90
C PHE L 36 1.30 -25.14 38.36
N THR L 37 2.63 -25.15 38.55
CA THR L 37 3.29 -25.24 39.86
C THR L 37 3.78 -23.88 40.35
N GLU L 38 3.63 -23.64 41.67
CA GLU L 38 4.07 -22.40 42.29
C GLU L 38 5.57 -22.53 42.53
N GLU L 39 6.28 -21.40 42.41
CA GLU L 39 7.73 -21.34 42.61
C GLU L 39 8.13 -20.06 43.33
N SER L 40 9.06 -20.19 44.29
CA SER L 40 9.57 -19.07 45.09
C SER L 40 9.97 -17.88 44.20
N GLY L 41 9.72 -16.67 44.70
CA GLY L 41 10.01 -15.43 44.00
C GLY L 41 9.04 -15.16 42.87
N ASP L 42 7.76 -15.51 43.09
CA ASP L 42 6.69 -15.29 42.12
C ASP L 42 5.74 -14.24 42.72
N ASP L 43 6.17 -12.96 42.65
CA ASP L 43 5.43 -11.85 43.24
C ASP L 43 4.21 -11.45 42.42
N GLU L 44 3.36 -10.57 42.98
CA GLU L 44 2.14 -10.03 42.37
C GLU L 44 2.46 -9.50 40.98
N TYR L 45 1.67 -9.90 39.97
CA TYR L 45 1.83 -9.50 38.57
C TYR L 45 2.07 -8.00 38.50
N GLN L 46 3.15 -7.57 37.82
CA GLN L 46 3.40 -6.14 37.76
C GLN L 46 2.63 -5.37 36.66
N GLY L 47 2.99 -5.51 35.37
CA GLY L 47 2.23 -4.75 34.39
C GLY L 47 2.53 -4.79 32.91
N ASP L 48 2.46 -3.57 32.27
CA ASP L 48 2.59 -3.33 30.82
C ASP L 48 3.94 -2.83 30.32
N GLN L 49 4.11 -2.88 28.98
CA GLN L 49 5.31 -2.43 28.26
C GLN L 49 5.05 -1.06 27.54
N SER L 50 3.99 -0.33 27.99
CA SER L 50 3.46 0.94 27.44
C SER L 50 2.71 0.70 26.10
N ASP L 51 1.96 -0.43 26.03
CA ASP L 51 1.14 -0.78 24.86
C ASP L 51 -0.29 -1.18 25.26
N THR L 52 -0.80 -0.55 26.34
CA THR L 52 -2.13 -0.72 26.93
C THR L 52 -3.28 -0.21 26.06
N GLU L 53 -3.02 0.86 25.28
CA GLU L 53 -3.99 1.52 24.42
C GLU L 53 -4.32 0.72 23.15
N ASP L 54 -5.63 0.48 22.93
CA ASP L 54 -6.08 -0.22 21.72
C ASP L 54 -5.97 0.72 20.51
N GLU L 55 -5.87 0.10 19.33
CA GLU L 55 -5.72 0.72 18.03
C GLU L 55 -6.44 -0.22 17.08
N VAL L 56 -6.93 0.33 15.97
CA VAL L 56 -7.67 -0.41 14.96
C VAL L 56 -7.05 -0.23 13.55
N ASP L 57 -7.19 -1.25 12.70
CA ASP L 57 -6.75 -1.17 11.29
C ASP L 57 -7.91 -0.48 10.54
N SER L 58 -7.60 0.37 9.54
CA SER L 58 -8.63 1.14 8.81
C SER L 58 -9.71 0.33 8.04
N ASP L 59 -9.66 -1.02 8.08
CA ASP L 59 -10.56 -1.96 7.42
C ASP L 59 -11.35 -2.80 8.45
N PHE L 60 -11.53 -2.26 9.65
CA PHE L 60 -12.25 -2.93 10.72
C PHE L 60 -13.73 -2.98 10.35
N ASP L 61 -14.27 -1.81 9.95
CA ASP L 61 -15.67 -1.62 9.61
C ASP L 61 -16.02 -1.69 8.11
N ILE L 62 -15.42 -2.66 7.41
CA ILE L 62 -15.71 -2.99 6.00
C ILE L 62 -17.02 -3.82 5.97
N ASP L 63 -17.78 -3.74 4.86
CA ASP L 63 -19.05 -4.46 4.69
C ASP L 63 -18.81 -5.97 4.67
N GLU L 64 -19.52 -6.70 5.53
CA GLU L 64 -19.36 -8.14 5.64
C GLU L 64 -20.64 -8.90 5.34
#